data_6RRW
#
_entry.id   6RRW
#
_cell.length_a   89.171
_cell.length_b   91.671
_cell.length_c   132.316
_cell.angle_alpha   90.000
_cell.angle_beta   90.000
_cell.angle_gamma   90.000
#
_symmetry.space_group_name_H-M   'P 21 21 21'
#
loop_
_entity.id
_entity.type
_entity.pdbx_description
1 polymer 'Alpha-mannosidase 2'
2 non-polymer (2~{R},3~{R},4~{R},5~{S})-1-[5-[[4-(3,4-dihydro-2~{H}-1,5-benzodioxepin-7-yl)phenyl]methoxy]pentyl]-2-(hydroxymethyl)piperidine-3,4,5-triol
3 non-polymer 'ZINC ION'
4 water water
#
_entity_poly.entity_id   1
_entity_poly.type   'polypeptide(L)'
_entity_poly.pdbx_seq_one_letter_code
;DDPIRPPLKVARSPRPGQCQDVVQDVPNVDVQMLELYDRMSFKDIDGGVWKQGWNIKYDPLKYNAHHKLKVFVVPHSHND
PGWIQTFEEYYQHDTKHILSNALRHLHDNPEMKFIWAEISYFARFYHDLGENKKLQMKSIVKNGQLEFVTGGWVMPDEAN
SHWRNVLLQLTEGQTWLKQFMNVTPTASWAIDPFGHSPTMPYILQKSGFKNMLIQRTHYSVKKELAQQRQLEFLWRQIWD
NKGDTALFTHMMPFYSYDIPHTCGPDPKVCCQFDFKRMGSFGLSCPWKVPPRTISDQNVAARSDLLVDQWKKKAELYRTN
VLLIPLGDDFRFKQNTEWDVQRVNYERLFEHINSQAHFNVQAQFGTLQEYFDAVHQAERAGQAEFPTLSGDFFTYADRSD
NYWSGYYTSRPYHKRMDRVLMHYVRAAEMLSAWHSWDGMARIEERLEQARRELSLFQHHDGITGTAKTHVVVDYEQRMQE
ALKACQMVMQQSVYRLLTKPSIYSPDFSFSYFTLDDSRWPGSGVEDSRTTIILGEDILPSKHVVMHNTLPHWREQLVDFY
VSSPFVSVTDLANNPVEAQVSPVWSWHHDTLTKTIHPQGSTTKYRIIFKARVPPMGLATYVLTISDSKPEHTSYASNLLL
RKNPTSLPLGQYPEDVKFGDPREISLRVGNGPTLAFSEQGLLKSIQLTQDSPHVPVHFKFLKYGVRSHGDRSGAYLFLPN
GPASPVELGQPVVLVTKGKLESSVSVGLPSVVHQTIMRGGAPEIRNLVDIGSLDNTEIVMRLETHIDSGDIFYTDLNGLQ
FIKRRRLDKLPLQANYYPIPSGMFIEDANTRLTLLTGQPLGGSSLASGELEIMQDRRLASDDERGLGQGVLDNKPVLHIY
RLVLEKVNNCVRPSELHPAGYLTSAAHKASQSLLDPLDKFIFAENEWIGAQGQFGGDHPSAREDLDVSVMRRLTKSSAKT
QRVGYVLHRTNLMQCGTPEEHTQKLDVCHLLPNVARCERTTLTFLQNLEHLDGMVAPEVCPMETAAYVSSHSS
;
_entity_poly.pdbx_strand_id   A
#
# COMPACT_ATOMS: atom_id res chain seq x y z
N CYS A 19 17.26 -22.67 3.49
CA CYS A 19 15.97 -21.92 3.25
C CYS A 19 14.77 -22.86 3.42
N GLN A 20 13.81 -22.49 4.28
CA GLN A 20 12.52 -23.20 4.39
C GLN A 20 11.93 -23.45 3.01
N ASP A 21 11.30 -24.60 2.81
CA ASP A 21 10.26 -24.78 1.78
C ASP A 21 8.99 -24.10 2.29
N VAL A 22 8.30 -23.37 1.42
CA VAL A 22 7.13 -22.51 1.79
C VAL A 22 5.88 -23.02 1.05
N VAL A 23 5.95 -24.21 0.46
CA VAL A 23 4.92 -24.76 -0.48
C VAL A 23 4.31 -26.08 0.04
N GLN A 24 5.08 -27.03 0.59
CA GLN A 24 4.50 -28.36 0.98
C GLN A 24 4.28 -28.45 2.50
N ASP A 25 5.20 -27.91 3.30
CA ASP A 25 5.06 -27.86 4.79
C ASP A 25 4.04 -26.79 5.19
N VAL A 26 2.84 -27.21 5.58
CA VAL A 26 1.80 -26.35 6.23
C VAL A 26 2.25 -26.09 7.67
N PRO A 27 2.43 -24.82 8.12
CA PRO A 27 2.74 -24.54 9.53
C PRO A 27 1.67 -25.01 10.53
N ASN A 28 2.11 -25.36 11.75
CA ASN A 28 1.22 -25.76 12.86
C ASN A 28 1.10 -24.54 13.78
N VAL A 29 -0.07 -23.91 13.83
CA VAL A 29 -0.30 -22.77 14.76
C VAL A 29 -1.57 -23.05 15.54
N ASP A 30 -1.69 -22.43 16.70
CA ASP A 30 -2.89 -22.55 17.57
C ASP A 30 -4.04 -21.87 16.86
N VAL A 31 -3.83 -20.66 16.34
CA VAL A 31 -4.93 -19.96 15.61
C VAL A 31 -4.54 -19.72 14.15
N GLN A 32 -5.28 -20.29 13.21
CA GLN A 32 -5.15 -20.02 11.76
C GLN A 32 -6.45 -19.32 11.36
N MET A 33 -6.39 -18.03 11.02
CA MET A 33 -7.61 -17.21 10.86
C MET A 33 -8.55 -17.81 9.81
N LEU A 34 -8.07 -18.36 8.70
CA LEU A 34 -8.99 -18.91 7.66
C LEU A 34 -9.77 -20.09 8.27
N GLU A 35 -9.05 -21.02 8.90
CA GLU A 35 -9.61 -22.19 9.62
C GLU A 35 -10.59 -21.71 10.70
N LEU A 36 -10.18 -20.74 11.52
CA LEU A 36 -11.02 -20.16 12.61
C LEU A 36 -12.30 -19.60 11.99
N TYR A 37 -12.20 -18.83 10.92
CA TYR A 37 -13.33 -18.14 10.24
C TYR A 37 -14.38 -19.19 9.84
N ASP A 38 -13.94 -20.36 9.39
CA ASP A 38 -14.84 -21.43 8.88
C ASP A 38 -15.71 -21.92 10.04
N ARG A 39 -15.11 -22.18 11.19
CA ARG A 39 -15.82 -22.75 12.35
C ARG A 39 -16.32 -21.67 13.31
N MET A 40 -16.31 -20.40 12.92
CA MET A 40 -16.93 -19.28 13.69
C MET A 40 -18.37 -19.08 13.20
N SER A 41 -19.27 -18.84 14.14
CA SER A 41 -20.71 -18.67 13.88
C SER A 41 -20.99 -17.20 13.56
N PHE A 42 -20.21 -16.27 14.12
CA PHE A 42 -20.35 -14.80 13.92
C PHE A 42 -21.71 -14.30 14.40
N LYS A 43 -22.35 -15.02 15.33
CA LYS A 43 -23.64 -14.58 15.93
C LYS A 43 -23.39 -13.26 16.65
N ASP A 44 -24.21 -12.25 16.37
CA ASP A 44 -24.14 -10.89 16.96
C ASP A 44 -25.11 -10.83 18.16
N ILE A 45 -24.84 -11.67 19.16
CA ILE A 45 -25.54 -11.72 20.49
C ILE A 45 -25.32 -10.37 21.17
N ASP A 46 -26.34 -9.81 21.82
CA ASP A 46 -26.17 -8.70 22.80
C ASP A 46 -25.58 -9.30 24.08
N GLY A 47 -24.39 -8.86 24.51
CA GLY A 47 -23.56 -9.54 25.52
C GLY A 47 -23.76 -8.97 26.91
N GLY A 48 -24.41 -7.79 26.99
CA GLY A 48 -24.60 -6.99 28.21
C GLY A 48 -23.90 -5.64 28.15
N VAL A 49 -23.32 -5.19 29.28
CA VAL A 49 -22.59 -3.88 29.39
C VAL A 49 -21.46 -3.89 28.34
N TRP A 50 -20.88 -5.06 28.12
CA TRP A 50 -19.97 -5.40 27.01
C TRP A 50 -20.83 -6.01 25.88
N LYS A 51 -21.32 -5.13 25.02
CA LYS A 51 -22.40 -5.40 24.06
C LYS A 51 -22.02 -6.55 23.12
N GLN A 52 -20.73 -6.64 22.74
CA GLN A 52 -20.23 -7.62 21.74
C GLN A 52 -19.45 -8.77 22.41
N GLY A 53 -19.44 -8.88 23.73
CA GLY A 53 -18.84 -10.04 24.43
C GLY A 53 -19.82 -10.71 25.38
N TRP A 54 -19.45 -10.82 26.66
CA TRP A 54 -20.26 -11.45 27.75
C TRP A 54 -20.04 -10.73 29.10
N ASN A 55 -20.70 -11.20 30.17
CA ASN A 55 -20.47 -10.72 31.56
C ASN A 55 -19.22 -11.46 32.08
N ILE A 56 -18.11 -10.75 32.23
CA ILE A 56 -16.84 -11.35 32.67
C ILE A 56 -16.96 -11.65 34.17
N LYS A 57 -16.58 -12.86 34.57
CA LYS A 57 -16.48 -13.29 35.97
C LYS A 57 -15.00 -13.53 36.25
N TYR A 58 -14.51 -12.99 37.38
CA TYR A 58 -13.25 -13.43 38.01
C TYR A 58 -13.54 -13.93 39.43
N ASP A 59 -12.83 -14.99 39.80
CA ASP A 59 -12.68 -15.48 41.19
C ASP A 59 -11.76 -14.50 41.92
N PRO A 60 -12.23 -13.72 42.92
CA PRO A 60 -11.41 -12.67 43.52
C PRO A 60 -10.33 -13.19 44.49
N LEU A 61 -10.23 -14.50 44.68
CA LEU A 61 -9.16 -15.19 45.46
C LEU A 61 -8.01 -15.58 44.54
N LYS A 62 -8.15 -15.26 43.24
CA LYS A 62 -7.05 -15.17 42.25
C LYS A 62 -5.98 -14.20 42.76
N TYR A 63 -6.38 -13.12 43.41
CA TYR A 63 -5.43 -12.07 43.86
C TYR A 63 -5.19 -12.21 45.36
N ASN A 64 -3.96 -11.95 45.76
CA ASN A 64 -3.48 -11.90 47.17
C ASN A 64 -2.15 -11.14 47.15
N ALA A 65 -1.44 -11.03 48.28
CA ALA A 65 -0.23 -10.20 48.45
C ALA A 65 0.97 -10.71 47.60
N HIS A 66 1.00 -12.02 47.25
CA HIS A 66 2.05 -12.69 46.43
C HIS A 66 1.63 -12.84 44.96
N HIS A 67 0.43 -12.40 44.59
CA HIS A 67 -0.12 -12.45 43.20
C HIS A 67 -0.92 -11.19 42.91
N LYS A 68 -0.27 -10.03 42.91
CA LYS A 68 -0.93 -8.71 42.76
C LYS A 68 -1.22 -8.49 41.28
N LEU A 69 -2.19 -7.64 40.99
CA LEU A 69 -2.40 -7.17 39.61
C LEU A 69 -1.51 -5.95 39.43
N LYS A 70 -0.64 -5.96 38.41
CA LYS A 70 0.22 -4.82 38.02
C LYS A 70 -0.49 -4.06 36.88
N VAL A 71 -0.88 -2.81 37.13
CA VAL A 71 -1.68 -2.03 36.15
C VAL A 71 -0.83 -0.89 35.59
N PHE A 72 -0.64 -0.91 34.27
CA PHE A 72 0.04 0.16 33.50
C PHE A 72 -1.01 1.00 32.80
N VAL A 73 -1.22 2.20 33.31
CA VAL A 73 -2.09 3.23 32.72
C VAL A 73 -1.20 4.05 31.81
N VAL A 74 -1.48 4.03 30.51
CA VAL A 74 -0.57 4.55 29.44
C VAL A 74 -1.32 5.67 28.72
N PRO A 75 -1.04 6.95 29.11
CA PRO A 75 -1.60 8.11 28.42
C PRO A 75 -1.06 8.23 26.97
N HIS A 76 -1.96 8.55 26.05
CA HIS A 76 -1.72 8.60 24.57
C HIS A 76 -2.65 9.65 23.96
N SER A 77 -2.32 10.14 22.77
CA SER A 77 -3.10 11.12 21.98
C SER A 77 -3.03 10.67 20.52
N HIS A 78 -4.16 10.25 19.97
CA HIS A 78 -4.25 9.78 18.58
C HIS A 78 -4.33 11.02 17.71
N ASN A 79 -3.34 11.22 16.86
CA ASN A 79 -3.19 12.41 16.02
C ASN A 79 -3.22 11.93 14.58
N ASP A 80 -4.29 12.22 13.84
CA ASP A 80 -4.38 11.96 12.38
C ASP A 80 -3.55 13.01 11.64
N PRO A 81 -2.53 12.61 10.82
CA PRO A 81 -1.87 13.53 9.88
C PRO A 81 -2.72 13.81 8.63
N GLY A 82 -3.91 14.36 8.85
CA GLY A 82 -4.98 14.55 7.86
C GLY A 82 -6.16 13.64 8.15
N TRP A 83 -7.36 14.22 8.27
CA TRP A 83 -8.67 13.50 8.24
C TRP A 83 -9.78 14.51 7.94
N ILE A 84 -10.34 15.15 8.99
CA ILE A 84 -11.33 16.26 8.91
C ILE A 84 -10.57 17.53 8.55
N GLN A 85 -9.34 17.67 9.06
CA GLN A 85 -8.43 18.81 8.77
C GLN A 85 -7.19 18.28 8.03
N THR A 86 -6.46 19.18 7.36
CA THR A 86 -5.16 18.91 6.72
C THR A 86 -4.11 18.68 7.82
N PHE A 87 -2.97 18.10 7.46
CA PHE A 87 -1.82 17.98 8.36
C PHE A 87 -1.56 19.34 9.05
N GLU A 88 -1.41 20.41 8.26
CA GLU A 88 -0.93 21.73 8.74
C GLU A 88 -2.04 22.36 9.62
N GLU A 89 -3.32 22.25 9.21
CA GLU A 89 -4.49 22.70 10.00
C GLU A 89 -4.47 22.08 11.39
N TYR A 90 -4.49 20.75 11.45
CA TYR A 90 -4.47 19.99 12.73
C TYR A 90 -3.25 20.40 13.54
N TYR A 91 -2.10 20.58 12.91
CA TYR A 91 -0.87 20.95 13.65
C TYR A 91 -1.13 22.24 14.44
N GLN A 92 -1.63 23.26 13.72
CA GLN A 92 -1.74 24.65 14.23
C GLN A 92 -2.85 24.68 15.27
N HIS A 93 -3.93 23.91 15.06
CA HIS A 93 -5.19 23.93 15.88
C HIS A 93 -5.01 23.01 17.11
N ASP A 94 -4.20 21.95 17.02
CA ASP A 94 -4.28 20.84 18.03
C ASP A 94 -2.90 20.38 18.46
N THR A 95 -2.12 19.85 17.52
CA THR A 95 -1.00 18.91 17.85
C THR A 95 0.15 19.68 18.54
N LYS A 96 0.39 20.91 18.11
CA LYS A 96 1.54 21.70 18.59
C LYS A 96 1.28 22.10 20.06
N HIS A 97 0.01 22.27 20.42
CA HIS A 97 -0.49 22.46 21.81
C HIS A 97 -0.30 21.16 22.58
N ILE A 98 -0.72 20.02 21.99
CA ILE A 98 -0.56 18.70 22.65
C ILE A 98 0.92 18.52 22.97
N LEU A 99 1.84 18.76 22.04
CA LEU A 99 3.27 18.41 22.28
C LEU A 99 3.98 19.46 23.17
N SER A 100 3.61 20.75 23.07
CA SER A 100 4.05 21.83 24.00
C SER A 100 3.68 21.41 25.43
N ASN A 101 2.42 21.02 25.61
CA ASN A 101 1.86 20.58 26.91
C ASN A 101 2.51 19.28 27.41
N ALA A 102 2.68 18.28 26.54
CA ALA A 102 3.47 17.08 26.86
C ALA A 102 4.85 17.49 27.42
N LEU A 103 5.51 18.46 26.81
CA LEU A 103 6.92 18.82 27.17
C LEU A 103 6.92 19.45 28.57
N ARG A 104 6.06 20.46 28.75
CA ARG A 104 5.88 21.19 30.03
C ARG A 104 5.50 20.21 31.14
N HIS A 105 4.36 19.55 31.00
CA HIS A 105 3.74 18.70 32.05
C HIS A 105 4.65 17.53 32.41
N LEU A 106 5.24 16.85 31.42
CA LEU A 106 6.10 15.67 31.72
C LEU A 106 7.36 16.11 32.49
N HIS A 107 7.92 17.25 32.13
CA HIS A 107 9.12 17.87 32.76
C HIS A 107 8.81 18.12 34.25
N ASP A 108 7.69 18.77 34.54
CA ASP A 108 7.24 19.17 35.91
C ASP A 108 6.74 17.96 36.73
N ASN A 109 6.51 16.78 36.13
CA ASN A 109 5.77 15.66 36.77
C ASN A 109 6.49 14.34 36.47
N PRO A 110 7.60 14.05 37.20
CA PRO A 110 8.48 12.92 36.85
C PRO A 110 7.85 11.53 36.72
N GLU A 111 6.64 11.34 37.26
CA GLU A 111 5.93 10.03 37.28
C GLU A 111 4.91 9.98 36.14
N MET A 112 4.46 11.15 35.67
CA MET A 112 3.61 11.26 34.47
C MET A 112 4.31 10.66 33.22
N LYS A 113 3.56 9.95 32.40
CA LYS A 113 4.09 9.22 31.20
C LYS A 113 3.19 9.54 30.01
N PHE A 114 3.70 9.27 28.82
CA PHE A 114 3.07 9.60 27.52
C PHE A 114 3.71 8.79 26.40
N ILE A 115 2.90 8.20 25.52
CA ILE A 115 3.43 7.59 24.27
C ILE A 115 3.06 8.44 23.05
N TRP A 116 3.92 8.37 22.02
CA TRP A 116 3.72 9.14 20.78
C TRP A 116 4.04 8.30 19.56
N ALA A 117 3.13 8.27 18.59
CA ALA A 117 3.23 7.39 17.41
C ALA A 117 3.67 8.16 16.15
N GLU A 118 3.09 9.35 15.85
CA GLU A 118 3.17 9.94 14.49
C GLU A 118 4.38 10.88 14.39
N ILE A 119 5.47 10.40 13.79
CA ILE A 119 6.72 11.19 13.82
C ILE A 119 6.62 12.38 12.86
N SER A 120 5.78 12.29 11.82
CA SER A 120 5.51 13.45 10.95
C SER A 120 5.20 14.69 11.81
N TYR A 121 4.24 14.58 12.74
CA TYR A 121 3.85 15.70 13.63
C TYR A 121 4.99 16.02 14.60
N PHE A 122 5.74 15.02 15.06
CA PHE A 122 6.77 15.26 16.09
C PHE A 122 7.94 16.06 15.50
N ALA A 123 8.39 15.68 14.30
CA ALA A 123 9.46 16.40 13.57
C ALA A 123 9.01 17.84 13.26
N ARG A 124 7.76 18.05 12.87
CA ARG A 124 7.25 19.40 12.54
C ARG A 124 7.44 20.28 13.80
N PHE A 125 6.96 19.80 14.95
CA PHE A 125 7.10 20.43 16.28
C PHE A 125 8.57 20.63 16.68
N TYR A 126 9.38 19.56 16.66
CA TYR A 126 10.74 19.59 17.23
C TYR A 126 11.59 20.67 16.54
N HIS A 127 11.57 20.77 15.21
CA HIS A 127 12.45 21.69 14.45
C HIS A 127 12.09 23.16 14.75
N ASP A 128 10.87 23.44 15.21
CA ASP A 128 10.42 24.81 15.59
C ASP A 128 10.82 25.19 17.02
N LEU A 129 11.35 24.28 17.85
CA LEU A 129 11.75 24.57 19.26
C LEU A 129 13.07 25.35 19.33
N GLY A 130 13.31 26.07 20.44
CA GLY A 130 14.63 26.62 20.81
C GLY A 130 15.53 25.49 21.30
N GLU A 131 16.84 25.71 21.38
CA GLU A 131 17.81 24.66 21.78
C GLU A 131 17.51 24.17 23.20
N ASN A 132 16.93 25.04 24.04
CA ASN A 132 16.58 24.76 25.46
C ASN A 132 15.46 23.71 25.49
N LYS A 133 14.32 24.05 24.92
CA LYS A 133 13.19 23.12 24.76
C LYS A 133 13.69 21.80 24.13
N LYS A 134 14.51 21.88 23.08
CA LYS A 134 15.02 20.70 22.36
C LYS A 134 15.75 19.80 23.35
N LEU A 135 16.54 20.41 24.22
CA LEU A 135 17.32 19.67 25.24
C LEU A 135 16.37 19.20 26.35
N GLN A 136 15.36 19.98 26.74
CA GLN A 136 14.27 19.53 27.66
C GLN A 136 13.56 18.29 27.07
N MET A 137 13.24 18.32 25.77
CA MET A 137 12.55 17.19 25.08
C MET A 137 13.42 15.94 25.16
N LYS A 138 14.70 16.01 24.77
CA LYS A 138 15.63 14.85 24.83
C LYS A 138 15.64 14.21 26.23
N SER A 139 15.63 14.99 27.32
CA SER A 139 15.76 14.43 28.71
C SER A 139 14.51 13.63 29.08
N ILE A 140 13.32 14.15 28.75
CA ILE A 140 12.04 13.41 29.01
C ILE A 140 11.91 12.23 28.04
N VAL A 141 12.65 12.19 26.93
CA VAL A 141 12.73 10.96 26.10
C VAL A 141 13.80 10.03 26.70
N LYS A 142 14.90 10.58 27.24
CA LYS A 142 16.06 9.83 27.79
C LYS A 142 15.67 9.05 29.06
N ASN A 143 14.97 9.69 30.00
CA ASN A 143 14.48 9.03 31.24
C ASN A 143 13.15 8.27 30.97
N GLY A 144 12.75 8.04 29.70
CA GLY A 144 11.62 7.15 29.35
C GLY A 144 10.24 7.68 29.76
N GLN A 145 10.12 8.98 30.00
CA GLN A 145 8.82 9.61 30.33
C GLN A 145 7.97 9.73 29.06
N LEU A 146 8.54 10.28 27.97
CA LEU A 146 7.91 10.34 26.62
C LEU A 146 8.47 9.19 25.80
N GLU A 147 7.65 8.23 25.40
CA GLU A 147 8.13 6.99 24.73
C GLU A 147 7.48 6.95 23.35
N PHE A 148 8.31 6.84 22.31
CA PHE A 148 7.85 6.77 20.90
C PHE A 148 7.43 5.33 20.66
N VAL A 149 6.27 5.14 20.04
CA VAL A 149 5.77 3.78 19.72
C VAL A 149 5.68 3.68 18.20
N THR A 150 6.15 2.55 17.63
CA THR A 150 6.37 2.35 16.17
C THR A 150 7.41 3.38 15.68
N GLY A 151 7.07 4.65 15.73
CA GLY A 151 7.96 5.73 15.26
C GLY A 151 7.99 5.77 13.75
N GLY A 152 6.91 5.34 13.10
CA GLY A 152 6.68 5.59 11.67
C GLY A 152 6.31 7.05 11.45
N TRP A 153 6.48 7.52 10.22
CA TRP A 153 6.13 8.90 9.88
C TRP A 153 4.65 9.12 10.20
N VAL A 154 3.86 8.08 9.88
CA VAL A 154 2.39 7.94 10.13
C VAL A 154 2.15 6.60 10.82
N MET A 155 0.88 6.34 11.15
CA MET A 155 0.36 5.01 11.53
C MET A 155 -0.41 4.56 10.31
N PRO A 156 0.21 3.76 9.44
CA PRO A 156 -0.35 3.56 8.10
C PRO A 156 -1.59 2.67 7.99
N ASP A 157 -2.33 2.91 6.92
CA ASP A 157 -3.29 1.90 6.42
C ASP A 157 -2.57 0.56 6.20
N GLU A 158 -3.24 -0.54 6.46
CA GLU A 158 -2.65 -1.90 6.35
C GLU A 158 -3.32 -2.70 5.22
N ALA A 159 -4.38 -2.18 4.60
CA ALA A 159 -5.14 -2.89 3.52
C ALA A 159 -4.59 -2.51 2.15
N ASN A 160 -4.55 -1.21 1.86
CA ASN A 160 -4.27 -0.68 0.50
C ASN A 160 -2.77 -0.41 0.33
N SER A 161 -2.01 -0.25 1.42
CA SER A 161 -0.61 0.23 1.40
C SER A 161 0.25 -0.86 0.73
N HIS A 162 1.16 -0.49 -0.15
CA HIS A 162 2.22 -1.44 -0.60
C HIS A 162 3.26 -1.55 0.51
N TRP A 163 3.73 -2.76 0.75
CA TRP A 163 4.74 -3.03 1.81
C TRP A 163 5.96 -2.14 1.60
N ARG A 164 6.27 -1.79 0.36
CA ARG A 164 7.42 -0.90 0.09
C ARG A 164 7.18 0.46 0.76
N ASN A 165 5.94 0.96 0.69
CA ASN A 165 5.63 2.30 1.23
C ASN A 165 5.48 2.19 2.75
N VAL A 166 5.11 1.02 3.27
CA VAL A 166 5.05 0.79 4.74
C VAL A 166 6.48 0.89 5.25
N LEU A 167 7.40 0.21 4.58
CA LEU A 167 8.83 0.28 4.94
C LEU A 167 9.30 1.73 4.77
N LEU A 168 8.93 2.37 3.67
CA LEU A 168 9.41 3.75 3.43
C LEU A 168 9.00 4.66 4.61
N GLN A 169 7.71 4.65 5.02
CA GLN A 169 7.20 5.59 6.06
C GLN A 169 7.79 5.21 7.42
N LEU A 170 7.94 3.91 7.73
CA LEU A 170 8.65 3.44 8.95
C LEU A 170 10.08 3.98 8.96
N THR A 171 10.81 3.81 7.85
CA THR A 171 12.24 4.22 7.76
C THR A 171 12.31 5.72 7.96
N GLU A 172 11.40 6.48 7.35
CA GLU A 172 11.45 7.96 7.42
C GLU A 172 11.30 8.40 8.89
N GLY A 173 10.36 7.80 9.64
CA GLY A 173 10.07 8.13 11.06
C GLY A 173 11.22 7.74 11.98
N GLN A 174 11.76 6.55 11.81
CA GLN A 174 12.75 5.97 12.74
C GLN A 174 14.13 6.56 12.44
N THR A 175 14.44 6.85 11.17
CA THR A 175 15.68 7.57 10.78
C THR A 175 15.67 8.95 11.45
N TRP A 176 14.55 9.66 11.36
CA TRP A 176 14.39 10.93 12.10
C TRP A 176 14.64 10.72 13.60
N LEU A 177 14.15 9.63 14.19
CA LEU A 177 14.20 9.45 15.67
C LEU A 177 15.65 9.17 16.05
N LYS A 178 16.34 8.27 15.32
CA LYS A 178 17.77 7.94 15.51
C LYS A 178 18.58 9.23 15.43
N GLN A 179 18.38 10.01 14.37
CA GLN A 179 19.20 11.22 14.07
C GLN A 179 19.02 12.23 15.20
N PHE A 180 17.79 12.46 15.66
CA PHE A 180 17.47 13.61 16.53
C PHE A 180 17.15 13.22 17.98
N MET A 181 16.85 11.95 18.30
CA MET A 181 16.48 11.53 19.67
C MET A 181 17.37 10.36 20.10
N ASN A 182 18.20 9.84 19.20
CA ASN A 182 19.02 8.63 19.48
C ASN A 182 18.13 7.56 20.13
N VAL A 183 16.90 7.36 19.61
CA VAL A 183 16.04 6.18 19.97
C VAL A 183 15.49 5.48 18.74
N THR A 184 15.31 4.17 18.89
CA THR A 184 14.72 3.25 17.91
C THR A 184 13.66 2.41 18.62
N PRO A 185 12.37 2.76 18.50
CA PRO A 185 11.30 2.00 19.16
C PRO A 185 11.33 0.52 18.77
N THR A 186 10.96 -0.38 19.71
CA THR A 186 10.86 -1.85 19.48
C THR A 186 9.44 -2.37 19.76
N ALA A 187 8.52 -1.48 20.11
CA ALA A 187 7.09 -1.79 20.30
C ALA A 187 6.25 -0.96 19.30
N SER A 188 5.38 -1.62 18.52
CA SER A 188 4.47 -0.92 17.58
C SER A 188 3.10 -0.67 18.22
N TRP A 189 2.48 0.45 17.87
CA TRP A 189 1.12 0.87 18.32
C TRP A 189 0.29 1.21 17.09
N ALA A 190 -0.71 0.38 16.82
CA ALA A 190 -1.54 0.50 15.60
C ALA A 190 -2.99 0.42 16.08
N ILE A 191 -3.51 1.52 16.60
CA ILE A 191 -4.86 1.51 17.25
C ILE A 191 -5.97 1.87 16.26
N ASP A 192 -5.67 2.41 15.08
CA ASP A 192 -6.72 3.01 14.21
C ASP A 192 -6.82 2.43 12.80
N PRO A 193 -5.85 1.71 12.20
CA PRO A 193 -6.04 1.14 10.88
C PRO A 193 -7.20 0.12 10.76
N PHE A 194 -7.93 0.12 9.63
CA PHE A 194 -9.30 -0.49 9.61
C PHE A 194 -9.20 -1.97 9.21
N GLY A 195 -8.73 -2.76 10.15
CA GLY A 195 -8.23 -4.11 9.89
C GLY A 195 -6.72 -4.12 9.89
N HIS A 196 -6.13 -5.30 10.03
CA HIS A 196 -4.69 -5.44 10.32
C HIS A 196 -4.13 -6.53 9.41
N SER A 197 -2.94 -6.25 8.92
CA SER A 197 -2.18 -7.07 7.95
C SER A 197 -1.01 -7.73 8.65
N PRO A 198 -0.68 -9.00 8.30
CA PRO A 198 0.51 -9.65 8.83
C PRO A 198 1.77 -9.04 8.18
N THR A 199 1.62 -8.25 7.12
CA THR A 199 2.74 -7.50 6.52
C THR A 199 3.41 -6.64 7.61
N MET A 200 2.66 -6.08 8.58
CA MET A 200 3.26 -5.24 9.65
C MET A 200 4.23 -6.04 10.52
N PRO A 201 3.88 -7.16 11.19
CA PRO A 201 4.86 -7.94 11.94
C PRO A 201 6.02 -8.41 11.04
N TYR A 202 5.73 -8.84 9.82
CA TYR A 202 6.78 -9.21 8.85
C TYR A 202 7.84 -8.11 8.80
N ILE A 203 7.42 -6.85 8.58
CA ILE A 203 8.36 -5.73 8.36
C ILE A 203 9.00 -5.34 9.69
N LEU A 204 8.18 -5.24 10.73
CA LEU A 204 8.63 -4.84 12.09
C LEU A 204 9.63 -5.87 12.63
N GLN A 205 9.36 -7.15 12.48
CA GLN A 205 10.25 -8.18 13.08
C GLN A 205 11.63 -8.10 12.40
N LYS A 206 11.68 -7.72 11.11
CA LYS A 206 12.95 -7.50 10.36
C LYS A 206 13.44 -6.05 10.52
N SER A 207 12.82 -5.24 11.37
CA SER A 207 13.29 -3.85 11.65
C SER A 207 13.58 -3.71 13.16
N GLY A 208 13.84 -4.82 13.83
CA GLY A 208 14.35 -4.83 15.24
C GLY A 208 13.25 -4.92 16.29
N PHE A 209 11.97 -4.85 15.90
CA PHE A 209 10.83 -4.81 16.84
C PHE A 209 10.71 -6.12 17.61
N LYS A 210 10.24 -6.05 18.86
CA LYS A 210 10.00 -7.21 19.77
C LYS A 210 8.51 -7.40 20.05
N ASN A 211 7.70 -6.35 19.94
CA ASN A 211 6.25 -6.40 20.27
C ASN A 211 5.44 -5.45 19.38
N MET A 212 4.13 -5.73 19.20
CA MET A 212 3.19 -4.83 18.48
C MET A 212 1.78 -4.88 19.08
N LEU A 213 1.07 -3.76 19.02
CA LEU A 213 -0.31 -3.68 19.55
C LEU A 213 -1.29 -3.38 18.40
N ILE A 214 -2.44 -4.07 18.40
CA ILE A 214 -3.54 -3.83 17.42
C ILE A 214 -4.88 -3.75 18.14
N GLN A 215 -5.88 -3.18 17.45
CA GLN A 215 -7.19 -2.77 18.05
C GLN A 215 -8.35 -3.13 17.11
N ARG A 216 -8.21 -2.81 15.84
CA ARG A 216 -9.35 -2.74 14.90
C ARG A 216 -9.55 -4.10 14.23
N THR A 217 -10.11 -5.02 15.01
CA THR A 217 -10.42 -6.39 14.55
C THR A 217 -11.92 -6.60 14.74
N HIS A 218 -12.48 -7.49 13.91
CA HIS A 218 -13.92 -7.84 13.93
C HIS A 218 -14.34 -8.17 15.37
N TYR A 219 -15.51 -7.68 15.80
CA TYR A 219 -16.08 -7.95 17.16
C TYR A 219 -16.24 -9.46 17.42
N SER A 220 -16.62 -10.29 16.43
CA SER A 220 -16.73 -11.76 16.60
C SER A 220 -15.35 -12.34 16.88
N VAL A 221 -14.32 -11.81 16.22
CA VAL A 221 -12.92 -12.25 16.46
C VAL A 221 -12.45 -11.82 17.87
N LYS A 222 -12.72 -10.60 18.31
CA LYS A 222 -12.37 -10.16 19.69
C LYS A 222 -12.99 -11.13 20.71
N LYS A 223 -14.25 -11.53 20.50
CA LYS A 223 -15.00 -12.43 21.42
C LYS A 223 -14.39 -13.82 21.39
N GLU A 224 -14.19 -14.37 20.20
CA GLU A 224 -13.73 -15.77 20.05
C GLU A 224 -12.40 -15.89 20.78
N LEU A 225 -11.48 -14.98 20.50
CA LEU A 225 -10.10 -15.02 21.07
C LEU A 225 -10.15 -14.69 22.56
N ALA A 226 -10.95 -13.71 22.97
CA ALA A 226 -11.03 -13.30 24.40
C ALA A 226 -11.47 -14.51 25.23
N GLN A 227 -12.41 -15.29 24.72
CA GLN A 227 -12.94 -16.51 25.39
C GLN A 227 -11.83 -17.53 25.62
N GLN A 228 -10.84 -17.64 24.74
CA GLN A 228 -9.72 -18.60 24.88
C GLN A 228 -8.46 -17.92 25.45
N ARG A 229 -8.55 -16.64 25.82
CA ARG A 229 -7.37 -15.81 26.21
C ARG A 229 -6.27 -15.95 25.13
N GLN A 230 -6.69 -15.78 23.87
CA GLN A 230 -5.82 -15.76 22.67
C GLN A 230 -5.76 -14.35 22.06
N LEU A 231 -5.80 -13.30 22.90
CA LEU A 231 -5.69 -11.88 22.47
C LEU A 231 -4.20 -11.47 22.43
N GLU A 232 -3.35 -12.08 23.24
CA GLU A 232 -1.89 -11.97 23.02
C GLU A 232 -1.40 -13.26 22.32
N PHE A 233 -0.64 -13.11 21.25
CA PHE A 233 -0.25 -14.27 20.41
C PHE A 233 1.07 -13.95 19.70
N LEU A 234 1.77 -15.00 19.36
CA LEU A 234 3.02 -14.92 18.56
C LEU A 234 2.60 -15.01 17.11
N TRP A 235 2.48 -13.85 16.46
CA TRP A 235 1.98 -13.71 15.07
C TRP A 235 3.12 -14.04 14.11
N ARG A 236 2.99 -15.16 13.39
CA ARG A 236 3.94 -15.58 12.34
C ARG A 236 3.25 -15.42 10.98
N GLN A 237 4.07 -15.40 9.92
CA GLN A 237 3.56 -15.41 8.53
C GLN A 237 2.92 -16.77 8.22
N ILE A 238 1.94 -16.78 7.32
CA ILE A 238 1.09 -17.96 6.95
C ILE A 238 1.89 -19.10 6.29
N TRP A 239 3.15 -18.90 5.91
CA TRP A 239 4.03 -19.89 5.22
C TRP A 239 5.18 -20.32 6.14
N ASP A 240 5.33 -19.67 7.30
CA ASP A 240 6.53 -19.79 8.16
C ASP A 240 6.42 -21.02 9.08
N ASN A 241 7.12 -22.12 8.75
CA ASN A 241 7.13 -23.41 9.49
C ASN A 241 7.91 -23.25 10.79
N LYS A 242 9.12 -22.67 10.71
CA LYS A 242 10.10 -22.54 11.82
C LYS A 242 9.59 -21.51 12.86
N GLY A 243 9.10 -20.34 12.44
CA GLY A 243 8.51 -19.32 13.33
C GLY A 243 9.49 -18.21 13.65
N ASP A 244 10.51 -18.05 12.81
CA ASP A 244 11.51 -16.93 12.91
C ASP A 244 10.85 -15.58 12.57
N THR A 245 9.69 -15.58 11.91
CA THR A 245 8.96 -14.32 11.55
C THR A 245 8.11 -13.87 12.75
N ALA A 246 7.89 -14.75 13.75
CA ALA A 246 7.01 -14.54 14.94
C ALA A 246 7.24 -13.16 15.55
N LEU A 247 6.16 -12.40 15.77
CA LEU A 247 6.21 -11.17 16.61
C LEU A 247 5.09 -11.22 17.64
N PHE A 248 5.42 -10.83 18.88
CA PHE A 248 4.44 -10.81 19.97
C PHE A 248 3.43 -9.71 19.69
N THR A 249 2.15 -10.07 19.66
CA THR A 249 1.03 -9.17 19.32
C THR A 249 0.04 -9.17 20.49
N HIS A 250 -0.29 -7.97 20.99
CA HIS A 250 -1.42 -7.68 21.90
C HIS A 250 -2.54 -7.10 21.03
N MET A 251 -3.64 -7.83 20.96
CA MET A 251 -4.94 -7.36 20.43
C MET A 251 -5.77 -6.86 21.61
N MET A 252 -6.14 -5.59 21.54
CA MET A 252 -7.02 -4.96 22.53
C MET A 252 -8.40 -5.57 22.33
N PRO A 253 -9.16 -5.77 23.43
CA PRO A 253 -10.36 -6.61 23.43
C PRO A 253 -11.72 -5.93 23.13
N PHE A 254 -11.80 -4.60 23.16
CA PHE A 254 -13.09 -3.86 23.14
C PHE A 254 -13.29 -3.05 21.84
N TYR A 255 -14.37 -2.27 21.80
CA TYR A 255 -14.99 -1.70 20.56
C TYR A 255 -14.07 -0.60 20.01
N SER A 256 -13.26 0.00 20.87
CA SER A 256 -12.53 1.24 20.57
C SER A 256 -11.30 1.39 21.50
N TYR A 257 -10.45 2.35 21.18
CA TYR A 257 -9.22 2.69 21.94
C TYR A 257 -9.50 3.86 22.88
N ASP A 258 -10.72 4.39 22.91
CA ASP A 258 -11.06 5.53 23.81
C ASP A 258 -11.16 5.05 25.26
N ILE A 259 -11.29 5.97 26.19
CA ILE A 259 -11.23 5.67 27.65
C ILE A 259 -12.44 4.82 28.07
N PRO A 260 -13.65 5.07 27.57
CA PRO A 260 -14.80 4.24 27.92
C PRO A 260 -14.60 2.77 27.52
N HIS A 261 -13.76 2.55 26.52
CA HIS A 261 -13.58 1.21 25.92
C HIS A 261 -12.19 0.67 26.27
N THR A 262 -11.45 1.30 27.18
CA THR A 262 -10.10 0.79 27.53
C THR A 262 -9.90 0.44 29.02
N CYS A 263 -10.82 0.76 29.94
CA CYS A 263 -10.62 0.55 31.39
C CYS A 263 -11.09 -0.85 31.80
N GLY A 264 -12.03 -1.39 31.03
CA GLY A 264 -12.70 -2.67 31.30
C GLY A 264 -13.97 -2.82 30.48
N PRO A 265 -14.80 -3.83 30.78
CA PRO A 265 -15.90 -4.20 29.88
C PRO A 265 -17.18 -3.34 29.87
N ASP A 266 -17.28 -2.36 30.76
CA ASP A 266 -18.53 -1.56 30.94
C ASP A 266 -18.17 -0.11 30.70
N PRO A 267 -18.46 0.37 29.49
CA PRO A 267 -18.16 1.75 29.14
C PRO A 267 -18.83 2.78 30.06
N LYS A 268 -19.99 2.45 30.61
CA LYS A 268 -20.73 3.35 31.53
C LYS A 268 -19.84 3.67 32.73
N VAL A 269 -19.13 2.67 33.24
CA VAL A 269 -18.16 2.85 34.36
C VAL A 269 -16.91 3.56 33.85
N CYS A 270 -16.23 2.98 32.85
CA CYS A 270 -14.96 3.51 32.28
C CYS A 270 -15.12 4.99 31.90
N CYS A 271 -16.26 5.37 31.36
CA CYS A 271 -16.45 6.76 30.85
C CYS A 271 -16.30 7.76 32.03
N GLN A 272 -16.64 7.33 33.25
CA GLN A 272 -16.56 8.13 34.51
C GLN A 272 -15.09 8.28 34.95
N PHE A 273 -14.14 7.63 34.26
CA PHE A 273 -12.69 7.77 34.56
C PHE A 273 -12.01 8.44 33.37
N ASP A 274 -12.79 9.19 32.60
CA ASP A 274 -12.30 10.12 31.56
C ASP A 274 -12.54 11.53 32.10
N PHE A 275 -11.56 12.10 32.78
CA PHE A 275 -11.75 13.27 33.67
C PHE A 275 -11.90 14.56 32.85
N LYS A 276 -11.66 14.49 31.53
CA LYS A 276 -11.91 15.64 30.63
C LYS A 276 -13.41 15.73 30.32
N ARG A 277 -14.21 14.70 30.63
CA ARG A 277 -15.64 14.64 30.23
C ARG A 277 -16.58 15.31 31.26
N MET A 278 -16.08 16.10 32.23
CA MET A 278 -16.92 16.67 33.33
C MET A 278 -17.74 17.85 32.80
N GLY A 282 -17.78 20.76 26.76
CA GLY A 282 -18.71 20.22 25.75
C GLY A 282 -18.55 18.72 25.49
N LEU A 283 -17.98 17.97 26.44
CA LEU A 283 -17.81 16.49 26.36
C LEU A 283 -18.46 15.89 27.60
N SER A 284 -19.20 14.81 27.42
CA SER A 284 -20.03 14.16 28.46
C SER A 284 -20.00 12.66 28.21
N CYS A 285 -20.74 11.88 28.99
CA CYS A 285 -20.79 10.41 28.83
C CYS A 285 -22.11 10.02 28.15
N PRO A 286 -22.07 9.48 26.92
CA PRO A 286 -23.27 8.88 26.31
C PRO A 286 -24.17 8.04 27.23
N TRP A 287 -23.62 7.42 28.26
CA TRP A 287 -24.32 6.49 29.20
C TRP A 287 -24.88 7.29 30.39
N LYS A 288 -24.65 8.61 30.41
CA LYS A 288 -25.31 9.64 31.29
C LYS A 288 -24.92 9.46 32.76
N VAL A 289 -23.66 9.15 33.05
CA VAL A 289 -23.07 9.22 34.41
C VAL A 289 -21.74 9.93 34.29
N PRO A 290 -21.63 11.18 34.79
CA PRO A 290 -20.42 11.98 34.63
C PRO A 290 -19.24 11.43 35.43
N PRO A 291 -17.99 11.71 34.98
CA PRO A 291 -16.83 11.59 35.84
C PRO A 291 -17.12 12.43 37.08
N ARG A 292 -16.51 12.09 38.22
CA ARG A 292 -16.54 12.94 39.43
C ARG A 292 -15.09 13.14 39.87
N THR A 293 -14.75 14.37 40.25
CA THR A 293 -13.46 14.68 40.91
C THR A 293 -13.27 13.60 41.97
N ILE A 294 -12.10 12.96 42.03
CA ILE A 294 -11.77 12.01 43.14
C ILE A 294 -11.45 12.83 44.39
N SER A 295 -12.02 12.41 45.53
CA SER A 295 -11.85 13.01 46.88
C SER A 295 -11.56 11.90 47.90
N ASP A 296 -11.15 12.29 49.11
CA ASP A 296 -11.08 11.36 50.27
C ASP A 296 -12.49 10.85 50.55
N GLN A 297 -13.49 11.68 50.29
CA GLN A 297 -14.94 11.38 50.44
C GLN A 297 -15.31 10.14 49.60
N ASN A 298 -14.86 10.02 48.35
CA ASN A 298 -15.42 9.05 47.38
C ASN A 298 -14.35 8.06 46.91
N VAL A 299 -13.08 8.19 47.32
CA VAL A 299 -11.95 7.49 46.62
C VAL A 299 -12.14 5.97 46.73
N ALA A 300 -12.65 5.46 47.85
CA ALA A 300 -12.77 4.01 48.13
C ALA A 300 -13.84 3.43 47.20
N ALA A 301 -14.91 4.20 46.98
CA ALA A 301 -16.06 3.77 46.15
C ALA A 301 -15.60 3.75 44.69
N ARG A 302 -14.93 4.82 44.25
CA ARG A 302 -14.43 4.99 42.86
C ARG A 302 -13.38 3.91 42.57
N SER A 303 -12.52 3.61 43.53
CA SER A 303 -11.40 2.65 43.33
C SER A 303 -11.97 1.24 43.16
N ASP A 304 -13.00 0.91 43.94
CA ASP A 304 -13.77 -0.37 43.88
C ASP A 304 -14.35 -0.52 42.48
N LEU A 305 -15.12 0.48 42.01
CA LEU A 305 -15.68 0.52 40.63
C LEU A 305 -14.58 0.23 39.58
N LEU A 306 -13.41 0.84 39.72
CA LEU A 306 -12.38 0.92 38.64
C LEU A 306 -11.56 -0.38 38.66
N VAL A 307 -11.18 -0.82 39.86
CA VAL A 307 -10.38 -2.07 40.03
C VAL A 307 -11.22 -3.26 39.59
N ASP A 308 -12.53 -3.22 39.87
CA ASP A 308 -13.43 -4.28 39.39
C ASP A 308 -13.41 -4.32 37.83
N GLN A 309 -13.47 -3.16 37.16
CA GLN A 309 -13.22 -3.06 35.68
C GLN A 309 -11.84 -3.65 35.30
N TRP A 310 -10.75 -3.16 35.92
CA TRP A 310 -9.38 -3.69 35.65
C TRP A 310 -9.35 -5.20 35.80
N LYS A 311 -9.92 -5.77 36.87
CA LYS A 311 -9.84 -7.23 37.12
C LYS A 311 -10.70 -8.00 36.11
N LYS A 312 -11.78 -7.42 35.64
CA LYS A 312 -12.54 -8.06 34.53
C LYS A 312 -11.69 -8.07 33.28
N LYS A 313 -11.05 -6.96 32.94
CA LYS A 313 -10.23 -6.89 31.70
C LYS A 313 -9.12 -7.92 31.81
N ALA A 314 -8.46 -7.97 32.96
CA ALA A 314 -7.31 -8.87 33.21
C ALA A 314 -7.69 -10.32 33.02
N GLU A 315 -8.97 -10.71 33.17
CA GLU A 315 -9.38 -12.14 33.02
C GLU A 315 -9.12 -12.57 31.57
N LEU A 316 -9.22 -11.62 30.65
CA LEU A 316 -9.09 -11.85 29.18
C LEU A 316 -7.64 -12.19 28.77
N TYR A 317 -6.65 -11.93 29.63
CA TYR A 317 -5.20 -12.09 29.29
C TYR A 317 -4.57 -13.10 30.24
N ARG A 318 -3.37 -13.59 29.92
CA ARG A 318 -2.76 -14.75 30.61
C ARG A 318 -1.83 -14.30 31.74
N THR A 319 -1.39 -13.04 31.81
CA THR A 319 -0.41 -12.62 32.86
C THR A 319 -1.15 -11.78 33.92
N ASN A 320 -0.46 -11.43 34.99
CA ASN A 320 -0.96 -10.56 36.07
C ASN A 320 -0.60 -9.10 35.72
N VAL A 321 -0.21 -8.84 34.48
CA VAL A 321 0.17 -7.47 34.00
C VAL A 321 -0.91 -6.99 33.02
N LEU A 322 -1.42 -5.77 33.21
CA LEU A 322 -2.63 -5.28 32.51
C LEU A 322 -2.32 -3.94 31.87
N LEU A 323 -2.61 -3.85 30.56
CA LEU A 323 -2.48 -2.61 29.75
C LEU A 323 -3.78 -1.82 29.78
N ILE A 324 -3.70 -0.60 30.30
CA ILE A 324 -4.82 0.36 30.35
C ILE A 324 -4.40 1.62 29.62
N PRO A 325 -4.67 1.71 28.29
CA PRO A 325 -4.50 2.97 27.57
C PRO A 325 -5.41 4.02 28.19
N LEU A 326 -4.92 5.25 28.23
CA LEU A 326 -5.68 6.44 28.67
C LEU A 326 -5.52 7.52 27.62
N GLY A 327 -6.45 7.56 26.67
CA GLY A 327 -6.52 8.67 25.72
C GLY A 327 -7.56 8.50 24.63
N ASP A 328 -7.48 9.39 23.65
CA ASP A 328 -8.47 9.53 22.56
C ASP A 328 -7.90 10.49 21.50
N ASP A 329 -8.69 10.75 20.48
CA ASP A 329 -8.31 11.65 19.37
C ASP A 329 -7.99 13.05 19.92
N PHE A 330 -6.77 13.52 19.62
CA PHE A 330 -6.24 14.87 19.87
C PHE A 330 -6.44 15.25 21.34
N ARG A 331 -6.20 14.29 22.22
CA ARG A 331 -6.29 14.51 23.68
C ARG A 331 -4.99 15.15 24.16
N PHE A 332 -5.07 15.70 25.36
CA PHE A 332 -3.92 16.24 26.13
C PHE A 332 -3.44 17.49 25.40
N LYS A 333 -4.41 18.26 24.92
CA LYS A 333 -4.23 19.54 24.22
C LYS A 333 -4.13 20.67 25.27
N GLN A 334 -5.08 20.80 26.18
CA GLN A 334 -5.07 21.90 27.17
C GLN A 334 -4.24 21.48 28.39
N ASN A 335 -3.64 22.49 29.03
CA ASN A 335 -2.80 22.31 30.24
C ASN A 335 -3.67 21.67 31.33
N THR A 336 -4.96 22.02 31.39
CA THR A 336 -5.86 21.57 32.48
C THR A 336 -6.29 20.11 32.23
N GLU A 337 -6.35 19.65 30.97
CA GLU A 337 -6.67 18.22 30.70
C GLU A 337 -5.55 17.37 31.29
N TRP A 338 -4.29 17.76 31.11
CA TRP A 338 -3.13 17.11 31.79
C TRP A 338 -3.33 17.06 33.32
N ASP A 339 -3.77 18.15 33.94
CA ASP A 339 -3.91 18.24 35.42
C ASP A 339 -5.00 17.28 35.87
N VAL A 340 -6.15 17.38 35.22
CA VAL A 340 -7.40 16.74 35.71
C VAL A 340 -7.25 15.22 35.53
N GLN A 341 -6.59 14.79 34.45
CA GLN A 341 -6.36 13.35 34.25
C GLN A 341 -5.31 12.92 35.27
N ARG A 342 -4.24 13.68 35.40
CA ARG A 342 -3.07 13.25 36.21
C ARG A 342 -3.43 13.12 37.69
N VAL A 343 -4.03 14.17 38.24
CA VAL A 343 -4.25 14.38 39.71
C VAL A 343 -5.29 13.37 40.21
N ASN A 344 -6.40 13.23 39.47
CA ASN A 344 -7.47 12.26 39.78
C ASN A 344 -6.89 10.83 39.71
N TYR A 345 -6.05 10.51 38.73
CA TYR A 345 -5.45 9.15 38.66
C TYR A 345 -4.39 9.00 39.76
N GLU A 346 -3.65 10.06 40.09
CA GLU A 346 -2.67 9.94 41.23
C GLU A 346 -3.45 9.52 42.51
N ARG A 347 -4.48 10.27 42.87
CA ARG A 347 -5.30 9.98 44.09
C ARG A 347 -5.79 8.52 44.08
N LEU A 348 -6.24 8.04 42.91
CA LEU A 348 -6.75 6.65 42.75
C LEU A 348 -5.62 5.66 43.04
N PHE A 349 -4.50 5.82 42.35
CA PHE A 349 -3.31 4.95 42.52
C PHE A 349 -2.88 4.98 43.98
N GLU A 350 -2.89 6.19 44.55
CA GLU A 350 -2.45 6.43 45.95
C GLU A 350 -3.31 5.57 46.89
N HIS A 351 -4.63 5.67 46.77
CA HIS A 351 -5.60 4.85 47.56
C HIS A 351 -5.38 3.37 47.28
N ILE A 352 -5.36 2.99 46.01
CA ILE A 352 -5.42 1.59 45.54
C ILE A 352 -4.15 0.87 46.00
N ASN A 353 -2.98 1.46 45.79
CA ASN A 353 -1.67 0.81 46.13
C ASN A 353 -1.51 0.73 47.64
N SER A 354 -2.02 1.74 48.37
CA SER A 354 -1.99 1.86 49.86
C SER A 354 -3.00 0.90 50.54
N GLN A 355 -3.92 0.26 49.79
CA GLN A 355 -4.99 -0.64 50.33
C GLN A 355 -4.80 -2.09 49.85
N ALA A 356 -4.25 -2.94 50.72
CA ALA A 356 -3.89 -4.36 50.49
C ALA A 356 -5.05 -5.22 49.98
N HIS A 357 -6.31 -4.96 50.39
CA HIS A 357 -7.52 -5.73 49.99
C HIS A 357 -7.66 -5.75 48.45
N PHE A 358 -7.21 -4.71 47.77
CA PHE A 358 -7.13 -4.69 46.28
C PHE A 358 -6.09 -5.68 45.71
N ASN A 359 -4.90 -5.79 46.31
CA ASN A 359 -3.77 -6.58 45.73
C ASN A 359 -3.56 -6.10 44.29
N VAL A 360 -3.46 -4.78 44.17
CA VAL A 360 -3.10 -4.07 42.92
C VAL A 360 -1.97 -3.08 43.23
N GLN A 361 -0.97 -3.06 42.34
CA GLN A 361 -0.01 -1.95 42.10
C GLN A 361 -0.37 -1.28 40.76
N ALA A 362 -0.80 -0.04 40.79
CA ALA A 362 -1.24 0.72 39.60
C ALA A 362 -0.27 1.89 39.45
N GLN A 363 0.08 2.28 38.21
CA GLN A 363 0.92 3.48 37.93
C GLN A 363 0.82 3.88 36.46
N PHE A 364 1.08 5.14 36.19
CA PHE A 364 1.41 5.60 34.82
C PHE A 364 2.58 4.76 34.31
N GLY A 365 2.49 4.29 33.07
CA GLY A 365 3.56 3.57 32.39
C GLY A 365 3.58 3.82 30.90
N THR A 366 4.50 3.15 30.22
CA THR A 366 4.59 3.20 28.74
C THR A 366 4.25 1.83 28.17
N LEU A 367 4.13 1.80 26.83
CA LEU A 367 3.86 0.54 26.11
C LEU A 367 5.02 -0.45 26.29
N GLN A 368 6.27 -0.03 26.12
CA GLN A 368 7.48 -0.89 26.34
C GLN A 368 7.48 -1.44 27.79
N GLU A 369 7.16 -0.63 28.79
CA GLU A 369 7.07 -1.12 30.19
C GLU A 369 6.07 -2.27 30.28
N TYR A 370 4.92 -2.14 29.63
CA TYR A 370 3.86 -3.19 29.62
C TYR A 370 4.51 -4.47 29.09
N PHE A 371 5.11 -4.38 27.90
CA PHE A 371 5.63 -5.57 27.17
C PHE A 371 6.78 -6.22 27.98
N ASP A 372 7.68 -5.41 28.56
CA ASP A 372 8.81 -5.89 29.40
C ASP A 372 8.24 -6.75 30.53
N ALA A 373 7.36 -6.17 31.36
CA ALA A 373 6.62 -6.85 32.46
C ALA A 373 5.98 -8.15 31.97
N VAL A 374 5.26 -8.14 30.85
CA VAL A 374 4.61 -9.38 30.33
C VAL A 374 5.70 -10.43 30.02
N HIS A 375 6.79 -10.07 29.36
CA HIS A 375 7.84 -11.08 29.05
C HIS A 375 8.50 -11.54 30.37
N GLN A 376 8.73 -10.69 31.38
CA GLN A 376 9.25 -11.18 32.69
C GLN A 376 8.29 -12.25 33.23
N ALA A 377 6.97 -12.03 33.21
CA ALA A 377 5.96 -13.05 33.61
C ALA A 377 6.12 -14.34 32.79
N GLU A 378 6.35 -14.27 31.48
CA GLU A 378 6.46 -15.46 30.59
C GLU A 378 7.71 -16.29 30.92
N ARG A 379 8.87 -15.61 30.97
CA ARG A 379 10.22 -16.07 31.46
C ARG A 379 10.09 -16.77 32.81
N ALA A 380 9.28 -16.24 33.74
CA ALA A 380 9.03 -16.78 35.09
C ALA A 380 7.94 -17.87 35.08
N GLY A 381 7.51 -18.37 33.91
CA GLY A 381 6.66 -19.57 33.79
C GLY A 381 5.17 -19.33 33.98
N GLN A 382 4.75 -18.08 34.20
CA GLN A 382 3.34 -17.67 34.52
C GLN A 382 2.37 -17.91 33.36
N ALA A 383 2.81 -17.72 32.11
CA ALA A 383 2.00 -17.87 30.87
C ALA A 383 2.91 -18.35 29.77
N GLU A 384 2.43 -19.29 28.95
CA GLU A 384 2.99 -19.57 27.62
C GLU A 384 1.92 -19.15 26.61
N PHE A 385 2.32 -18.44 25.56
CA PHE A 385 1.39 -17.76 24.61
C PHE A 385 1.12 -18.60 23.36
N PRO A 386 -0.07 -18.49 22.79
CA PRO A 386 -0.42 -19.20 21.56
C PRO A 386 0.22 -18.55 20.32
N THR A 387 0.31 -19.33 19.25
CA THR A 387 0.82 -18.94 17.92
C THR A 387 -0.36 -18.68 17.00
N LEU A 388 -0.24 -17.64 16.17
CA LEU A 388 -1.28 -17.27 15.17
C LEU A 388 -0.62 -16.96 13.82
N SER A 389 -1.33 -17.33 12.78
CA SER A 389 -1.12 -16.94 11.36
C SER A 389 -2.46 -16.45 10.78
N GLY A 390 -2.40 -15.45 9.92
CA GLY A 390 -3.57 -14.95 9.18
C GLY A 390 -3.62 -13.45 9.19
N ASP A 391 -4.74 -12.90 8.74
CA ASP A 391 -4.92 -11.44 8.67
C ASP A 391 -6.20 -11.14 9.46
N PHE A 392 -6.54 -9.88 9.55
CA PHE A 392 -7.73 -9.40 10.30
C PHE A 392 -8.53 -8.49 9.36
N PHE A 393 -8.84 -9.01 8.19
CA PHE A 393 -9.71 -8.38 7.18
C PHE A 393 -10.85 -9.38 6.93
N THR A 394 -12.06 -8.93 6.73
CA THR A 394 -12.44 -7.54 6.65
C THR A 394 -13.02 -7.22 8.02
N TYR A 395 -12.60 -6.09 8.56
CA TYR A 395 -13.03 -5.53 9.86
C TYR A 395 -14.53 -5.17 9.85
N ALA A 396 -15.27 -5.50 10.93
CA ALA A 396 -16.62 -4.94 11.21
C ALA A 396 -16.65 -4.40 12.65
N ASP A 397 -17.00 -3.13 12.87
CA ASP A 397 -17.08 -2.56 14.27
C ASP A 397 -18.39 -2.98 14.94
N ARG A 398 -19.47 -3.18 14.16
CA ARG A 398 -20.76 -3.70 14.70
C ARG A 398 -21.63 -4.32 13.61
N SER A 399 -22.60 -5.16 14.03
CA SER A 399 -23.57 -5.93 13.21
C SER A 399 -23.02 -6.28 11.83
N ASP A 400 -23.46 -5.60 10.76
CA ASP A 400 -23.14 -5.97 9.34
C ASP A 400 -22.40 -4.79 8.68
N ASN A 401 -21.77 -3.94 9.49
CA ASN A 401 -21.09 -2.72 9.01
C ASN A 401 -19.63 -3.10 8.77
N TYR A 402 -19.36 -3.71 7.61
CA TYR A 402 -18.04 -4.17 7.16
C TYR A 402 -17.36 -3.00 6.42
N TRP A 403 -16.04 -2.82 6.68
CA TRP A 403 -15.23 -1.66 6.22
C TRP A 403 -14.54 -2.04 4.91
N SER A 404 -15.28 -2.59 3.94
CA SER A 404 -14.76 -2.92 2.59
C SER A 404 -14.86 -1.70 1.64
N GLY A 405 -15.50 -0.61 2.04
CA GLY A 405 -15.67 0.57 1.16
C GLY A 405 -14.33 1.27 0.87
N TYR A 406 -13.46 1.36 1.88
CA TYR A 406 -12.22 2.14 1.82
C TYR A 406 -11.17 1.36 1.02
N TYR A 407 -11.50 0.13 0.62
CA TYR A 407 -10.65 -0.64 -0.30
C TYR A 407 -10.74 0.00 -1.67
N THR A 408 -11.73 0.87 -1.90
CA THR A 408 -11.98 1.49 -3.23
C THR A 408 -12.12 3.01 -3.15
N SER A 409 -12.61 3.59 -2.06
CA SER A 409 -12.83 5.07 -1.91
C SER A 409 -11.63 5.86 -2.47
N ARG A 410 -11.91 6.91 -3.25
CA ARG A 410 -10.98 7.89 -3.86
C ARG A 410 -9.88 7.13 -4.62
N PRO A 411 -10.29 6.39 -5.64
CA PRO A 411 -9.40 5.47 -6.34
C PRO A 411 -8.36 6.18 -7.20
N TYR A 412 -8.64 7.43 -7.61
CA TYR A 412 -7.66 8.32 -8.30
C TYR A 412 -6.35 8.40 -7.52
N HIS A 413 -6.45 8.76 -6.24
CA HIS A 413 -5.28 8.89 -5.31
C HIS A 413 -4.70 7.51 -4.95
N LYS A 414 -5.51 6.47 -4.98
CA LYS A 414 -5.05 5.07 -4.78
C LYS A 414 -4.11 4.69 -5.92
N ARG A 415 -4.48 5.04 -7.14
CA ARG A 415 -3.62 4.87 -8.32
C ARG A 415 -2.36 5.74 -8.19
N MET A 416 -2.52 6.97 -7.70
CA MET A 416 -1.42 7.98 -7.68
C MET A 416 -0.33 7.48 -6.72
N ASP A 417 -0.74 6.78 -5.65
CA ASP A 417 0.15 6.17 -4.66
C ASP A 417 1.10 5.20 -5.35
N ARG A 418 0.57 4.31 -6.18
CA ARG A 418 1.38 3.31 -6.92
C ARG A 418 2.33 3.99 -7.89
N VAL A 419 1.89 5.04 -8.58
CA VAL A 419 2.74 5.79 -9.53
C VAL A 419 3.86 6.44 -8.71
N LEU A 420 3.51 7.17 -7.65
CA LEU A 420 4.57 7.87 -6.89
C LEU A 420 5.50 6.85 -6.23
N MET A 421 4.99 5.66 -5.91
CA MET A 421 5.81 4.57 -5.29
C MET A 421 7.00 4.31 -6.20
N HIS A 422 6.68 4.14 -7.48
CA HIS A 422 7.66 3.81 -8.53
C HIS A 422 8.69 4.96 -8.72
N TYR A 423 8.21 6.18 -8.80
CA TYR A 423 9.04 7.38 -9.08
C TYR A 423 10.01 7.59 -7.90
N VAL A 424 9.62 7.31 -6.67
CA VAL A 424 10.56 7.44 -5.51
C VAL A 424 11.65 6.37 -5.67
N ARG A 425 11.26 5.13 -5.92
CA ARG A 425 12.25 4.06 -6.11
C ARG A 425 13.21 4.44 -7.23
N ALA A 426 12.68 4.87 -8.38
CA ALA A 426 13.52 5.15 -9.58
C ALA A 426 14.45 6.34 -9.31
N ALA A 427 13.92 7.41 -8.73
CA ALA A 427 14.66 8.66 -8.41
C ALA A 427 15.79 8.38 -7.41
N GLU A 428 15.49 7.62 -6.35
CA GLU A 428 16.48 7.18 -5.33
C GLU A 428 17.54 6.28 -5.98
N MET A 429 17.13 5.28 -6.79
CA MET A 429 18.05 4.35 -7.47
C MET A 429 18.96 5.12 -8.44
N LEU A 430 18.38 5.88 -9.36
CA LEU A 430 19.12 6.58 -10.44
C LEU A 430 20.22 7.47 -9.85
N SER A 431 19.90 8.24 -8.80
CA SER A 431 20.75 9.24 -8.13
C SER A 431 21.73 8.59 -7.16
N ALA A 432 21.51 7.33 -6.78
CA ALA A 432 22.34 6.60 -5.80
C ALA A 432 23.71 6.30 -6.41
N TRP A 433 23.80 6.22 -7.74
CA TRP A 433 25.03 5.76 -8.43
C TRP A 433 26.19 6.71 -8.14
N HIS A 434 25.94 8.01 -7.91
CA HIS A 434 26.96 9.04 -7.57
C HIS A 434 26.61 9.82 -6.31
N SER A 435 27.63 10.47 -5.72
CA SER A 435 27.50 11.58 -4.74
C SER A 435 27.17 12.83 -5.53
N TRP A 436 26.27 13.66 -5.03
CA TRP A 436 25.97 14.95 -5.68
C TRP A 436 26.51 16.10 -4.83
N ASP A 437 27.03 17.12 -5.47
CA ASP A 437 27.30 18.40 -4.78
C ASP A 437 25.96 18.92 -4.28
N GLY A 438 25.88 19.34 -3.02
CA GLY A 438 24.66 19.85 -2.38
C GLY A 438 24.01 20.99 -3.14
N MET A 439 24.75 21.67 -4.02
CA MET A 439 24.21 22.71 -4.96
C MET A 439 23.04 22.12 -5.78
N ALA A 440 23.11 20.83 -6.14
CA ALA A 440 22.10 20.08 -6.95
C ALA A 440 20.76 19.93 -6.21
N ARG A 441 20.79 19.93 -4.86
CA ARG A 441 19.60 19.77 -3.97
C ARG A 441 18.92 18.43 -4.24
N ILE A 442 19.70 17.35 -4.41
CA ILE A 442 19.18 15.98 -4.64
C ILE A 442 18.53 15.52 -3.32
N GLU A 443 19.30 15.58 -2.24
CA GLU A 443 18.87 15.18 -0.87
C GLU A 443 17.53 15.84 -0.53
N GLU A 444 17.35 17.13 -0.81
CA GLU A 444 16.12 17.88 -0.41
C GLU A 444 14.89 17.41 -1.18
N ARG A 445 15.06 17.17 -2.47
CA ARG A 445 14.00 16.63 -3.36
C ARG A 445 13.56 15.26 -2.86
N LEU A 446 14.51 14.34 -2.68
CA LEU A 446 14.22 12.95 -2.27
C LEU A 446 13.54 12.96 -0.89
N GLU A 447 13.95 13.85 0.01
CA GLU A 447 13.37 13.97 1.36
C GLU A 447 11.92 14.43 1.24
N GLN A 448 11.67 15.56 0.56
CA GLN A 448 10.28 15.97 0.24
C GLN A 448 9.50 14.79 -0.35
N ALA A 449 10.03 14.11 -1.34
CA ALA A 449 9.27 13.07 -2.07
C ALA A 449 8.95 11.91 -1.13
N ARG A 450 9.94 11.33 -0.45
CA ARG A 450 9.68 10.26 0.58
C ARG A 450 8.60 10.70 1.58
N ARG A 451 8.60 11.95 2.02
CA ARG A 451 7.72 12.39 3.13
C ARG A 451 6.28 12.55 2.65
N GLU A 452 6.05 13.16 1.49
CA GLU A 452 4.69 13.28 0.92
C GLU A 452 4.14 11.85 0.69
N LEU A 453 4.95 10.95 0.13
CA LEU A 453 4.47 9.55 -0.10
C LEU A 453 4.16 8.91 1.26
N SER A 454 5.08 9.08 2.22
CA SER A 454 4.97 8.49 3.58
C SER A 454 3.68 9.00 4.25
N LEU A 455 3.41 10.28 4.18
CA LEU A 455 2.21 10.90 4.79
C LEU A 455 0.92 10.30 4.19
N PHE A 456 0.91 10.05 2.89
CA PHE A 456 -0.27 9.45 2.19
C PHE A 456 -0.53 8.02 2.67
N GLN A 457 0.46 7.36 3.29
CA GLN A 457 0.28 6.01 3.84
C GLN A 457 -0.66 6.07 5.04
N HIS A 458 -0.85 7.24 5.65
CA HIS A 458 -1.82 7.47 6.75
C HIS A 458 -3.17 6.75 6.46
N HIS A 459 -3.79 6.22 7.49
CA HIS A 459 -5.08 5.47 7.46
C HIS A 459 -6.27 6.39 7.14
N ASP A 460 -6.06 7.69 6.89
CA ASP A 460 -7.13 8.52 6.25
C ASP A 460 -6.61 9.09 4.92
N GLY A 461 -5.43 8.65 4.45
CA GLY A 461 -4.81 9.07 3.18
C GLY A 461 -5.20 8.14 2.05
N ILE A 462 -4.42 7.10 1.85
CA ILE A 462 -4.61 6.08 0.78
C ILE A 462 -5.99 5.43 0.90
N THR A 463 -6.53 5.36 2.12
CA THR A 463 -7.90 4.85 2.41
C THR A 463 -8.99 5.63 1.67
N GLY A 464 -8.80 6.92 1.39
CA GLY A 464 -9.84 7.78 0.83
C GLY A 464 -10.96 8.06 1.83
N THR A 465 -10.60 8.26 3.11
CA THR A 465 -11.58 8.44 4.20
C THR A 465 -11.42 9.85 4.80
N ALA A 466 -10.74 10.76 4.10
CA ALA A 466 -10.53 12.17 4.50
C ALA A 466 -11.56 13.09 3.81
N LYS A 467 -11.69 14.31 4.30
CA LYS A 467 -12.62 15.33 3.73
C LYS A 467 -12.00 15.83 2.43
N THR A 468 -12.86 16.36 1.55
CA THR A 468 -12.53 16.74 0.16
C THR A 468 -11.26 17.59 0.17
N HIS A 469 -11.22 18.61 1.03
CA HIS A 469 -10.11 19.62 1.02
C HIS A 469 -8.77 18.96 1.42
N VAL A 470 -8.83 17.93 2.28
CA VAL A 470 -7.63 17.21 2.78
C VAL A 470 -7.11 16.27 1.67
N VAL A 471 -8.03 15.56 1.01
CA VAL A 471 -7.73 14.74 -0.20
C VAL A 471 -7.02 15.65 -1.21
N VAL A 472 -7.47 16.91 -1.33
CA VAL A 472 -6.86 17.86 -2.31
C VAL A 472 -5.42 18.12 -1.86
N ASP A 473 -5.22 18.36 -0.57
CA ASP A 473 -3.86 18.59 0.02
C ASP A 473 -2.98 17.35 -0.25
N TYR A 474 -3.44 16.14 0.07
CA TYR A 474 -2.64 14.91 -0.21
C TYR A 474 -2.21 14.94 -1.68
N GLU A 475 -3.16 15.26 -2.56
CA GLU A 475 -2.94 15.24 -4.03
C GLU A 475 -1.89 16.30 -4.41
N GLN A 476 -1.96 17.50 -3.85
CA GLN A 476 -1.01 18.60 -4.20
C GLN A 476 0.38 18.23 -3.69
N ARG A 477 0.43 17.56 -2.54
CA ARG A 477 1.70 17.05 -1.96
C ARG A 477 2.28 15.96 -2.88
N MET A 478 1.48 15.02 -3.37
CA MET A 478 1.98 13.90 -4.24
C MET A 478 2.44 14.48 -5.60
N GLN A 479 1.74 15.50 -6.07
CA GLN A 479 2.07 16.26 -7.32
C GLN A 479 3.44 16.93 -7.16
N GLU A 480 3.70 17.60 -6.03
CA GLU A 480 5.03 18.21 -5.78
C GLU A 480 6.11 17.12 -5.81
N ALA A 481 5.84 16.05 -5.07
CA ALA A 481 6.73 14.89 -4.91
C ALA A 481 7.05 14.27 -6.25
N LEU A 482 6.02 14.09 -7.10
CA LEU A 482 6.23 13.50 -8.45
C LEU A 482 7.23 14.38 -9.21
N LYS A 483 7.06 15.70 -9.13
CA LYS A 483 7.90 16.70 -9.86
C LYS A 483 9.31 16.70 -9.27
N ALA A 484 9.48 16.56 -7.94
CA ALA A 484 10.82 16.44 -7.33
C ALA A 484 11.52 15.17 -7.85
N CYS A 485 10.84 14.01 -7.87
CA CYS A 485 11.42 12.76 -8.46
C CYS A 485 11.90 12.97 -9.91
N GLN A 486 11.09 13.62 -10.74
CA GLN A 486 11.33 13.82 -12.19
C GLN A 486 12.65 14.57 -12.36
N MET A 487 12.82 15.62 -11.56
CA MET A 487 14.02 16.49 -11.61
C MET A 487 15.25 15.69 -11.19
N VAL A 488 15.13 14.83 -10.17
CA VAL A 488 16.26 13.96 -9.73
C VAL A 488 16.53 12.94 -10.84
N MET A 489 15.49 12.31 -11.38
CA MET A 489 15.66 11.25 -12.40
C MET A 489 16.36 11.84 -13.63
N GLN A 490 15.91 12.99 -14.15
CA GLN A 490 16.45 13.55 -15.43
C GLN A 490 17.91 13.99 -15.22
N GLN A 491 18.23 14.68 -14.10
CA GLN A 491 19.64 15.06 -13.78
C GLN A 491 20.51 13.79 -13.73
N SER A 492 20.03 12.72 -13.10
CA SER A 492 20.75 11.42 -12.96
C SER A 492 21.08 10.80 -14.33
N VAL A 493 20.07 10.70 -15.21
CA VAL A 493 20.19 10.03 -16.53
C VAL A 493 21.25 10.77 -17.34
N TYR A 494 21.21 12.10 -17.27
CA TYR A 494 22.11 12.99 -18.03
C TYR A 494 23.54 12.73 -17.55
N ARG A 495 23.73 12.58 -16.25
CA ARG A 495 25.07 12.32 -15.71
C ARG A 495 25.46 10.91 -16.14
N LEU A 496 24.54 9.95 -16.10
CA LEU A 496 24.89 8.52 -16.33
C LEU A 496 25.22 8.27 -17.80
N LEU A 497 24.71 9.07 -18.74
CA LEU A 497 24.81 8.77 -20.19
C LEU A 497 25.48 9.92 -20.97
N THR A 498 26.18 10.85 -20.29
CA THR A 498 26.96 11.96 -20.91
C THR A 498 28.45 11.72 -20.64
N LYS A 499 29.30 11.67 -21.66
CA LYS A 499 30.76 11.40 -21.53
C LYS A 499 31.28 12.28 -20.39
N PRO A 500 32.00 11.71 -19.40
CA PRO A 500 32.54 12.49 -18.29
C PRO A 500 33.47 13.62 -18.78
N SER A 501 34.20 13.41 -19.87
CA SER A 501 35.08 14.43 -20.53
C SER A 501 34.26 15.68 -20.90
N ILE A 502 32.94 15.52 -21.09
CA ILE A 502 31.96 16.56 -21.51
C ILE A 502 31.02 16.95 -20.35
N TYR A 503 30.66 16.01 -19.47
CA TYR A 503 29.58 16.23 -18.48
C TYR A 503 29.87 17.54 -17.75
N SER A 504 28.99 18.54 -17.82
CA SER A 504 29.20 19.85 -17.18
C SER A 504 27.87 20.45 -16.74
N PRO A 505 27.22 19.83 -15.73
CA PRO A 505 25.80 20.06 -15.47
C PRO A 505 25.42 21.45 -14.93
N ASP A 506 24.29 21.96 -15.41
CA ASP A 506 23.46 23.00 -14.73
C ASP A 506 22.32 22.28 -14.01
N PHE A 507 22.39 22.29 -12.69
CA PHE A 507 21.56 21.49 -11.77
C PHE A 507 20.11 21.99 -11.83
N SER A 508 19.86 23.20 -12.29
CA SER A 508 18.46 23.69 -12.38
C SER A 508 17.86 23.47 -13.78
N PHE A 509 18.56 22.79 -14.68
CA PHE A 509 18.15 22.65 -16.10
C PHE A 509 17.44 21.32 -16.36
N SER A 510 16.36 21.32 -17.15
CA SER A 510 15.62 20.15 -17.66
C SER A 510 16.34 19.58 -18.88
N TYR A 511 17.19 18.58 -18.68
CA TYR A 511 17.88 17.91 -19.79
C TYR A 511 16.95 16.91 -20.48
N PHE A 512 16.03 16.32 -19.70
CA PHE A 512 14.95 15.42 -20.19
C PHE A 512 13.61 15.80 -19.54
N THR A 513 12.53 15.64 -20.29
CA THR A 513 11.16 15.57 -19.72
C THR A 513 10.78 14.10 -19.74
N LEU A 514 9.99 13.66 -18.77
CA LEU A 514 9.53 12.24 -18.65
C LEU A 514 8.27 12.04 -19.49
N ASP A 515 8.13 10.89 -20.12
CA ASP A 515 6.91 10.54 -20.87
C ASP A 515 6.30 9.34 -20.14
N ASP A 516 5.05 9.46 -19.73
CA ASP A 516 4.32 8.43 -18.99
C ASP A 516 2.95 8.28 -19.64
N SER A 517 2.73 7.15 -20.32
CA SER A 517 1.47 6.78 -21.01
C SER A 517 0.45 6.21 -20.02
N ARG A 518 0.69 6.24 -18.71
CA ARG A 518 -0.20 5.55 -17.74
C ARG A 518 -0.63 6.43 -16.56
N TRP A 519 0.10 7.51 -16.31
CA TRP A 519 -0.29 8.53 -15.31
C TRP A 519 -0.07 9.91 -15.91
N PRO A 520 -1.08 10.82 -15.86
CA PRO A 520 -2.45 10.49 -15.45
C PRO A 520 -3.27 9.64 -16.43
N GLY A 521 -2.77 9.49 -17.67
CA GLY A 521 -3.45 8.84 -18.82
C GLY A 521 -4.18 9.84 -19.71
N SER A 522 -3.86 9.85 -21.01
CA SER A 522 -4.51 10.69 -22.06
C SER A 522 -6.00 10.34 -22.11
N GLY A 523 -6.85 11.23 -21.63
CA GLY A 523 -8.26 10.91 -21.32
C GLY A 523 -8.58 11.42 -19.94
N VAL A 524 -7.62 11.29 -19.02
CA VAL A 524 -7.59 12.02 -17.73
C VAL A 524 -6.93 13.38 -17.96
N GLU A 525 -5.76 13.44 -18.61
CA GLU A 525 -5.19 14.73 -19.08
C GLU A 525 -4.30 14.50 -20.31
N ASP A 526 -4.79 14.96 -21.45
CA ASP A 526 -4.03 15.13 -22.72
C ASP A 526 -2.87 16.12 -22.44
N SER A 527 -1.76 15.63 -21.88
CA SER A 527 -0.58 16.49 -21.55
C SER A 527 0.76 15.75 -21.70
N ARG A 528 0.81 14.61 -22.42
CA ARG A 528 2.07 14.07 -22.96
C ARG A 528 2.59 15.02 -24.04
N THR A 529 3.89 15.30 -24.07
CA THR A 529 4.51 16.16 -25.11
C THR A 529 4.57 15.35 -26.42
N THR A 530 4.37 16.04 -27.54
CA THR A 530 4.68 15.51 -28.88
C THR A 530 6.13 15.87 -29.23
N ILE A 531 6.91 14.87 -29.62
CA ILE A 531 8.24 15.08 -30.26
C ILE A 531 8.01 15.60 -31.68
N ILE A 532 8.23 16.89 -31.93
CA ILE A 532 8.07 17.53 -33.28
C ILE A 532 9.34 17.28 -34.08
N LEU A 533 9.29 16.49 -35.13
CA LEU A 533 10.45 16.30 -36.03
C LEU A 533 10.13 16.97 -37.38
N GLY A 534 11.17 17.48 -38.03
CA GLY A 534 11.17 17.90 -39.45
C GLY A 534 12.58 17.85 -39.97
N GLU A 535 12.81 17.44 -41.23
CA GLU A 535 14.16 17.24 -41.86
C GLU A 535 15.01 18.52 -41.81
N ASP A 536 14.40 19.70 -41.74
CA ASP A 536 15.10 21.00 -41.58
C ASP A 536 15.16 21.39 -40.09
N ILE A 537 13.99 21.47 -39.43
CA ILE A 537 13.78 22.11 -38.09
C ILE A 537 14.43 21.22 -37.01
N LEU A 538 14.13 19.91 -36.96
CA LEU A 538 14.78 18.90 -36.07
C LEU A 538 14.54 17.48 -36.59
N PRO A 539 15.53 16.85 -37.24
CA PRO A 539 15.32 15.55 -37.88
C PRO A 539 15.27 14.33 -36.95
N SER A 540 16.07 14.30 -35.89
CA SER A 540 16.16 13.17 -34.94
C SER A 540 15.99 13.63 -33.48
N LYS A 541 15.63 12.70 -32.60
CA LYS A 541 15.43 12.92 -31.14
C LYS A 541 15.93 11.69 -30.38
N HIS A 542 16.80 11.89 -29.41
CA HIS A 542 17.23 10.83 -28.44
C HIS A 542 16.14 10.62 -27.38
N VAL A 543 15.78 9.39 -27.12
CA VAL A 543 14.97 8.97 -25.92
C VAL A 543 15.81 7.96 -25.12
N VAL A 544 15.54 7.86 -23.82
CA VAL A 544 16.26 6.93 -22.90
C VAL A 544 15.21 6.20 -22.06
N MET A 545 15.35 4.88 -21.94
CA MET A 545 14.51 4.04 -21.05
C MET A 545 15.34 3.66 -19.82
N HIS A 546 14.73 3.67 -18.65
CA HIS A 546 15.33 3.21 -17.36
C HIS A 546 14.62 1.93 -16.96
N ASN A 547 15.35 0.98 -16.38
CA ASN A 547 14.82 -0.31 -15.90
C ASN A 547 15.25 -0.48 -14.45
N THR A 548 14.39 -0.17 -13.48
CA THR A 548 14.74 -0.19 -12.04
C THR A 548 14.92 -1.64 -11.54
N LEU A 549 14.32 -2.61 -12.24
CA LEU A 549 14.43 -4.05 -11.90
C LEU A 549 15.86 -4.55 -12.17
N PRO A 550 16.42 -5.42 -11.31
CA PRO A 550 17.76 -5.98 -11.54
C PRO A 550 17.79 -7.17 -12.50
N HIS A 551 17.08 -7.11 -13.62
CA HIS A 551 17.26 -8.08 -14.73
C HIS A 551 16.95 -7.41 -16.07
N TRP A 552 17.55 -7.92 -17.16
CA TRP A 552 17.32 -7.48 -18.56
C TRP A 552 15.82 -7.46 -18.81
N ARG A 553 15.30 -6.37 -19.38
CA ARG A 553 13.88 -6.28 -19.74
C ARG A 553 13.76 -5.70 -21.16
N GLU A 554 12.90 -6.31 -21.96
CA GLU A 554 12.45 -5.90 -23.29
C GLU A 554 10.97 -5.59 -23.15
N GLN A 555 10.61 -4.33 -23.29
CA GLN A 555 9.23 -3.86 -23.02
C GLN A 555 8.87 -2.89 -24.15
N LEU A 556 7.73 -3.08 -24.80
CA LEU A 556 7.25 -2.08 -25.76
C LEU A 556 7.14 -0.73 -25.03
N VAL A 557 7.75 0.32 -25.59
CA VAL A 557 7.57 1.73 -25.14
C VAL A 557 6.91 2.46 -26.29
N ASP A 558 6.34 3.64 -26.02
CA ASP A 558 5.66 4.46 -27.05
C ASP A 558 5.93 5.93 -26.77
N PHE A 559 5.99 6.73 -27.83
CA PHE A 559 6.07 8.21 -27.78
C PHE A 559 5.10 8.85 -28.77
N TYR A 560 4.63 10.05 -28.44
CA TYR A 560 3.87 10.92 -29.38
C TYR A 560 4.88 11.58 -30.33
N VAL A 561 4.63 11.49 -31.65
CA VAL A 561 5.45 12.09 -32.76
C VAL A 561 4.58 12.86 -33.76
N SER A 562 5.16 13.91 -34.34
CA SER A 562 4.50 14.92 -35.20
C SER A 562 4.30 14.38 -36.63
N SER A 563 4.95 13.26 -36.99
CA SER A 563 4.87 12.59 -38.31
C SER A 563 4.75 11.08 -38.11
N PRO A 564 4.07 10.33 -39.02
CA PRO A 564 4.04 8.86 -38.94
C PRO A 564 5.26 8.23 -39.61
N PHE A 565 6.08 9.00 -40.33
CA PHE A 565 7.27 8.53 -41.07
C PHE A 565 8.48 8.68 -40.14
N VAL A 566 8.50 7.85 -39.10
CA VAL A 566 9.57 7.81 -38.06
C VAL A 566 10.15 6.39 -38.02
N SER A 567 11.48 6.32 -37.89
CA SER A 567 12.30 5.08 -37.77
C SER A 567 13.04 5.12 -36.45
N VAL A 568 13.23 3.94 -35.86
CA VAL A 568 13.95 3.80 -34.57
C VAL A 568 15.30 3.16 -34.85
N THR A 569 16.33 3.68 -34.19
CA THR A 569 17.67 3.05 -34.16
C THR A 569 18.14 3.09 -32.73
N ASP A 570 19.07 2.19 -32.35
CA ASP A 570 19.90 2.39 -31.14
C ASP A 570 20.93 3.45 -31.52
N LEU A 571 21.81 3.86 -30.60
CA LEU A 571 22.78 4.96 -30.85
C LEU A 571 23.86 4.48 -31.84
N ALA A 572 24.05 3.16 -32.02
CA ALA A 572 24.97 2.53 -33.01
C ALA A 572 24.35 2.50 -34.42
N ASN A 573 23.19 3.16 -34.59
CA ASN A 573 22.41 3.24 -35.85
C ASN A 573 21.85 1.86 -36.28
N ASN A 574 21.92 0.81 -35.44
CA ASN A 574 21.22 -0.46 -35.73
C ASN A 574 19.73 -0.20 -35.78
N PRO A 575 19.01 -0.69 -36.80
CA PRO A 575 17.60 -0.35 -36.96
C PRO A 575 16.83 -1.19 -35.93
N VAL A 576 15.69 -0.67 -35.46
CA VAL A 576 14.80 -1.39 -34.49
C VAL A 576 13.40 -1.36 -35.09
N GLU A 577 12.74 -2.51 -35.12
CA GLU A 577 11.40 -2.65 -35.70
C GLU A 577 10.46 -1.80 -34.83
N ALA A 578 9.49 -1.15 -35.48
CA ALA A 578 8.55 -0.21 -34.86
C ALA A 578 7.20 -0.30 -35.54
N GLN A 579 6.17 0.08 -34.81
CA GLN A 579 4.78 0.24 -35.31
C GLN A 579 4.31 1.65 -34.96
N VAL A 580 3.52 2.24 -35.88
CA VAL A 580 2.93 3.59 -35.71
C VAL A 580 1.41 3.43 -35.66
N SER A 581 0.79 3.91 -34.59
CA SER A 581 -0.68 3.91 -34.42
C SER A 581 -1.14 5.36 -34.38
N PRO A 582 -2.41 5.63 -34.71
CA PRO A 582 -2.96 6.96 -34.46
C PRO A 582 -3.05 7.27 -32.95
N VAL A 583 -3.10 8.56 -32.62
CA VAL A 583 -3.58 9.03 -31.29
C VAL A 583 -5.10 9.08 -31.32
N TRP A 584 -5.77 8.29 -30.48
CA TRP A 584 -7.25 8.26 -30.34
C TRP A 584 -7.69 8.97 -29.04
N SER A 585 -8.79 9.73 -29.08
CA SER A 585 -9.42 10.41 -27.92
C SER A 585 -10.90 10.03 -27.92
N TRP A 586 -11.56 10.03 -26.76
CA TRP A 586 -13.02 9.69 -26.63
C TRP A 586 -13.82 10.90 -26.15
N HIS A 587 -14.99 11.14 -26.77
CA HIS A 587 -15.81 12.38 -26.60
C HIS A 587 -17.29 11.98 -26.44
N HIS A 588 -18.18 12.95 -26.19
CA HIS A 588 -19.50 12.73 -25.54
C HIS A 588 -20.54 13.77 -26.02
N ASP A 589 -21.68 13.33 -26.60
CA ASP A 589 -22.91 14.17 -26.75
C ASP A 589 -23.64 14.17 -25.41
N THR A 594 -23.99 10.32 -26.56
CA THR A 594 -23.26 9.03 -26.67
C THR A 594 -21.75 9.27 -26.93
N ILE A 595 -20.94 8.20 -26.96
CA ILE A 595 -19.46 8.23 -26.68
C ILE A 595 -18.71 7.56 -27.83
N HIS A 596 -17.90 8.36 -28.53
CA HIS A 596 -17.25 8.01 -29.83
C HIS A 596 -15.78 8.45 -29.81
N PRO A 597 -14.90 7.76 -30.57
CA PRO A 597 -13.51 8.19 -30.71
C PRO A 597 -13.27 9.25 -31.79
N GLN A 598 -12.24 10.07 -31.60
CA GLN A 598 -11.68 11.03 -32.59
C GLN A 598 -10.18 10.76 -32.70
N GLY A 599 -9.65 10.80 -33.93
CA GLY A 599 -8.24 10.59 -34.27
C GLY A 599 -7.54 11.92 -34.41
N SER A 600 -6.27 12.00 -33.98
CA SER A 600 -5.40 13.17 -34.25
C SER A 600 -5.03 13.14 -35.73
N THR A 601 -5.00 14.30 -36.37
CA THR A 601 -4.46 14.45 -37.74
C THR A 601 -3.03 14.97 -37.64
N THR A 602 -2.54 15.28 -36.43
CA THR A 602 -1.26 16.02 -36.23
C THR A 602 -0.25 15.28 -35.33
N LYS A 603 -0.64 14.25 -34.57
CA LYS A 603 0.31 13.43 -33.77
C LYS A 603 -0.02 11.93 -33.86
N TYR A 604 1.00 11.09 -33.70
CA TYR A 604 0.95 9.62 -33.89
C TYR A 604 1.70 8.97 -32.73
N ARG A 605 1.48 7.68 -32.52
CA ARG A 605 2.26 6.86 -31.56
C ARG A 605 3.28 6.05 -32.34
N ILE A 606 4.57 6.19 -31.99
CA ILE A 606 5.64 5.26 -32.40
C ILE A 606 5.86 4.25 -31.25
N ILE A 607 5.79 2.96 -31.54
CA ILE A 607 5.87 1.84 -30.58
C ILE A 607 7.05 0.96 -31.00
N PHE A 608 7.94 0.62 -30.07
CA PHE A 608 9.09 -0.26 -30.33
C PHE A 608 9.54 -0.93 -29.02
N LYS A 609 10.28 -2.03 -29.15
CA LYS A 609 10.70 -2.86 -28.00
C LYS A 609 12.02 -2.27 -27.52
N ALA A 610 12.03 -1.63 -26.35
CA ALA A 610 13.28 -1.19 -25.69
C ALA A 610 13.85 -2.39 -24.94
N ARG A 611 15.15 -2.61 -25.09
CA ARG A 611 15.90 -3.66 -24.37
C ARG A 611 16.81 -2.95 -23.38
N VAL A 612 16.59 -3.15 -22.08
CA VAL A 612 17.21 -2.28 -21.03
C VAL A 612 17.94 -3.17 -20.04
N PRO A 613 19.22 -2.86 -19.75
CA PRO A 613 19.98 -3.63 -18.76
C PRO A 613 19.40 -3.61 -17.34
N PRO A 614 19.87 -4.53 -16.48
CA PRO A 614 19.46 -4.56 -15.08
C PRO A 614 19.80 -3.22 -14.44
N MET A 615 18.82 -2.58 -13.81
CA MET A 615 19.04 -1.33 -13.07
C MET A 615 19.81 -0.39 -14.00
N GLY A 616 19.37 -0.30 -15.25
CA GLY A 616 20.16 0.33 -16.31
C GLY A 616 19.35 1.20 -17.25
N LEU A 617 20.08 1.77 -18.22
CA LEU A 617 19.58 2.77 -19.18
C LEU A 617 19.94 2.28 -20.58
N ALA A 618 19.08 2.57 -21.54
CA ALA A 618 19.30 2.34 -22.99
C ALA A 618 18.80 3.59 -23.75
N THR A 619 19.65 4.10 -24.66
CA THR A 619 19.36 5.25 -25.55
C THR A 619 18.90 4.74 -26.91
N TYR A 620 17.89 5.39 -27.48
CA TYR A 620 17.39 5.17 -28.85
C TYR A 620 17.20 6.52 -29.54
N VAL A 621 17.00 6.49 -30.87
CA VAL A 621 16.92 7.68 -31.76
C VAL A 621 15.68 7.50 -32.63
N LEU A 622 14.79 8.49 -32.58
CA LEU A 622 13.62 8.59 -33.46
C LEU A 622 14.03 9.56 -34.57
N THR A 623 13.93 9.13 -35.83
CA THR A 623 14.32 9.91 -37.04
C THR A 623 13.14 9.97 -38.02
N ILE A 624 12.79 11.18 -38.49
CA ILE A 624 11.79 11.39 -39.58
C ILE A 624 12.42 11.07 -40.94
N SER A 625 11.57 10.65 -41.89
CA SER A 625 11.89 10.50 -43.33
C SER A 625 10.74 11.12 -44.16
N ASP A 626 10.90 11.12 -45.49
CA ASP A 626 9.89 11.62 -46.46
C ASP A 626 8.67 10.69 -46.42
N SER A 627 8.93 9.38 -46.25
CA SER A 627 7.97 8.28 -46.53
C SER A 627 8.21 7.05 -45.64
N LYS A 628 7.32 6.06 -45.75
CA LYS A 628 7.36 4.76 -45.02
C LYS A 628 8.80 4.25 -44.94
N PRO A 629 9.39 4.19 -43.73
CA PRO A 629 10.77 3.76 -43.56
C PRO A 629 10.78 2.23 -43.62
N GLU A 630 11.94 1.61 -43.79
CA GLU A 630 12.04 0.15 -44.07
C GLU A 630 11.47 -0.66 -42.88
N HIS A 631 11.58 -0.15 -41.63
CA HIS A 631 11.44 -0.98 -40.40
C HIS A 631 10.29 -0.51 -39.53
N THR A 632 9.37 0.32 -40.04
CA THR A 632 8.20 0.83 -39.31
C THR A 632 6.96 0.35 -40.04
N SER A 633 6.12 -0.46 -39.36
CA SER A 633 4.79 -0.93 -39.84
C SER A 633 3.72 0.02 -39.32
N TYR A 634 2.50 -0.11 -39.84
CA TYR A 634 1.39 0.82 -39.60
C TYR A 634 0.18 -0.02 -39.25
N ALA A 635 -0.51 0.34 -38.18
CA ALA A 635 -1.67 -0.42 -37.66
C ALA A 635 -2.87 -0.08 -38.54
N SER A 636 -3.73 -1.05 -38.80
CA SER A 636 -5.10 -0.81 -39.34
C SER A 636 -5.94 -0.23 -38.19
N ASN A 637 -7.10 0.32 -38.54
CA ASN A 637 -8.05 0.92 -37.59
C ASN A 637 -9.45 0.56 -38.11
N LEU A 638 -10.25 -0.13 -37.29
CA LEU A 638 -11.61 -0.58 -37.64
C LEU A 638 -12.58 0.00 -36.60
N LEU A 639 -13.52 0.83 -37.04
CA LEU A 639 -14.48 1.56 -36.18
C LEU A 639 -15.85 0.87 -36.23
N LEU A 640 -16.00 -0.27 -35.55
CA LEU A 640 -17.26 -1.06 -35.48
C LEU A 640 -18.34 -0.20 -34.84
N ARG A 641 -19.06 0.55 -35.68
CA ARG A 641 -20.15 1.46 -35.29
C ARG A 641 -21.25 1.31 -36.35
N LYS A 642 -22.51 1.38 -35.90
CA LYS A 642 -23.71 1.52 -36.76
C LYS A 642 -23.71 2.92 -37.36
N ASN A 643 -24.20 3.10 -38.60
CA ASN A 643 -24.58 4.45 -39.08
C ASN A 643 -23.33 5.33 -39.26
N PRO A 644 -22.19 4.84 -39.81
CA PRO A 644 -20.93 5.58 -39.76
C PRO A 644 -20.90 6.95 -40.46
N THR A 645 -19.93 7.81 -40.10
CA THR A 645 -19.45 9.01 -40.85
C THR A 645 -17.93 9.10 -40.67
N SER A 646 -17.16 9.20 -41.76
CA SER A 646 -15.72 8.84 -41.81
C SER A 646 -14.86 9.84 -41.04
N LEU A 647 -13.60 9.43 -40.77
CA LEU A 647 -12.58 10.09 -39.89
C LEU A 647 -11.25 10.21 -40.63
N PRO A 648 -10.73 11.44 -40.90
CA PRO A 648 -9.38 11.59 -41.41
C PRO A 648 -8.35 11.37 -40.29
N LEU A 649 -7.11 10.98 -40.64
CA LEU A 649 -5.96 10.77 -39.73
C LEU A 649 -4.69 11.44 -40.27
N GLY A 650 -4.83 12.61 -40.92
CA GLY A 650 -3.73 13.42 -41.50
C GLY A 650 -2.88 12.58 -42.44
N GLN A 651 -1.57 12.51 -42.21
CA GLN A 651 -0.62 11.79 -43.10
C GLN A 651 -0.52 10.31 -42.73
N TYR A 652 -1.35 9.82 -41.81
CA TYR A 652 -1.37 8.38 -41.40
C TYR A 652 -1.76 7.55 -42.62
N PRO A 653 -0.87 6.66 -43.11
CA PRO A 653 -1.07 6.02 -44.41
C PRO A 653 -2.27 5.06 -44.54
N GLU A 654 -2.68 4.34 -43.49
CA GLU A 654 -3.75 3.30 -43.57
C GLU A 654 -5.09 3.91 -43.15
N ASP A 655 -5.95 4.21 -44.12
CA ASP A 655 -7.25 4.91 -43.89
C ASP A 655 -8.09 4.07 -42.94
N VAL A 656 -8.69 4.70 -41.94
CA VAL A 656 -9.64 4.01 -41.01
C VAL A 656 -10.73 3.32 -41.83
N LYS A 657 -10.97 2.02 -41.53
CA LYS A 657 -12.08 1.17 -42.06
C LYS A 657 -13.33 1.29 -41.14
N PHE A 658 -14.52 1.08 -41.72
CA PHE A 658 -15.85 1.11 -41.02
C PHE A 658 -16.61 -0.19 -41.24
N GLY A 659 -17.69 -0.35 -40.49
CA GLY A 659 -18.39 -1.62 -40.36
C GLY A 659 -19.40 -1.58 -39.24
N ASP A 660 -20.28 -2.57 -39.20
CA ASP A 660 -21.33 -2.67 -38.15
C ASP A 660 -20.76 -3.49 -36.99
N PRO A 661 -21.33 -3.31 -35.78
CA PRO A 661 -20.94 -4.12 -34.63
C PRO A 661 -20.90 -5.60 -35.04
N ARG A 662 -19.79 -6.29 -34.70
CA ARG A 662 -19.61 -7.75 -34.88
C ARG A 662 -18.60 -8.26 -33.86
N GLU A 663 -18.52 -9.58 -33.68
CA GLU A 663 -17.48 -10.29 -32.86
C GLU A 663 -16.13 -10.19 -33.60
N ILE A 664 -15.01 -10.17 -32.85
CA ILE A 664 -13.62 -10.01 -33.40
C ILE A 664 -12.66 -10.90 -32.60
N SER A 665 -11.57 -11.31 -33.24
CA SER A 665 -10.55 -12.22 -32.71
C SER A 665 -9.19 -11.66 -33.13
N LEU A 666 -8.38 -11.18 -32.19
CA LEU A 666 -7.04 -10.64 -32.46
C LEU A 666 -6.02 -11.57 -31.85
N ARG A 667 -4.86 -11.70 -32.49
CA ARG A 667 -3.62 -12.31 -31.93
C ARG A 667 -2.47 -11.33 -32.16
N VAL A 668 -1.47 -11.35 -31.29
CA VAL A 668 -0.18 -10.62 -31.47
C VAL A 668 0.97 -11.56 -31.07
N GLY A 669 2.00 -11.62 -31.90
CA GLY A 669 3.14 -12.55 -31.71
C GLY A 669 2.63 -13.97 -31.60
N ASN A 670 3.34 -14.84 -30.89
CA ASN A 670 2.82 -16.21 -30.59
C ASN A 670 1.96 -16.17 -29.32
N GLY A 671 1.53 -14.98 -28.87
CA GLY A 671 0.81 -14.76 -27.61
C GLY A 671 -0.66 -15.14 -27.76
N PRO A 672 -1.53 -14.91 -26.76
CA PRO A 672 -2.87 -15.47 -26.79
C PRO A 672 -3.73 -14.89 -27.92
N THR A 673 -4.71 -15.66 -28.35
CA THR A 673 -5.75 -15.20 -29.29
C THR A 673 -6.96 -14.88 -28.44
N LEU A 674 -7.40 -13.64 -28.41
CA LEU A 674 -8.58 -13.24 -27.62
C LEU A 674 -9.75 -13.05 -28.56
N ALA A 675 -10.93 -13.59 -28.19
CA ALA A 675 -12.24 -13.30 -28.80
C ALA A 675 -12.99 -12.24 -27.98
N PHE A 676 -13.77 -11.39 -28.66
CA PHE A 676 -14.49 -10.23 -28.06
C PHE A 676 -15.93 -10.23 -28.58
N SER A 677 -16.88 -9.83 -27.72
CA SER A 677 -18.30 -9.61 -28.08
C SER A 677 -18.34 -8.49 -29.11
N GLU A 678 -19.55 -8.07 -29.50
CA GLU A 678 -19.77 -6.90 -30.41
C GLU A 678 -19.86 -5.60 -29.58
N GLN A 679 -19.66 -5.69 -28.26
CA GLN A 679 -19.53 -4.51 -27.36
C GLN A 679 -18.06 -4.36 -26.94
N GLY A 680 -17.17 -5.17 -27.49
CA GLY A 680 -15.71 -5.02 -27.35
C GLY A 680 -15.26 -5.43 -25.98
N LEU A 681 -15.95 -6.45 -25.42
CA LEU A 681 -15.67 -7.05 -24.09
C LEU A 681 -15.14 -8.48 -24.29
N LEU A 682 -14.02 -8.80 -23.69
CA LEU A 682 -13.40 -10.15 -23.76
C LEU A 682 -14.47 -11.25 -23.58
N LYS A 683 -14.50 -12.23 -24.49
CA LYS A 683 -15.42 -13.40 -24.43
C LYS A 683 -14.62 -14.67 -24.13
N SER A 684 -13.37 -14.78 -24.59
CA SER A 684 -12.57 -16.02 -24.52
C SER A 684 -11.12 -15.76 -24.88
N ILE A 685 -10.25 -16.67 -24.44
CA ILE A 685 -8.77 -16.64 -24.61
C ILE A 685 -8.33 -18.05 -25.03
N GLN A 686 -7.66 -18.16 -26.19
CA GLN A 686 -6.90 -19.34 -26.62
C GLN A 686 -5.44 -19.07 -26.29
N LEU A 687 -4.85 -19.83 -25.38
CA LEU A 687 -3.45 -19.64 -24.95
C LEU A 687 -2.51 -19.92 -26.12
N THR A 688 -2.31 -21.21 -26.46
CA THR A 688 -1.49 -21.72 -27.59
C THR A 688 -2.40 -21.93 -28.81
N GLN A 689 -1.82 -22.37 -29.92
CA GLN A 689 -2.46 -22.46 -31.26
C GLN A 689 -3.30 -23.75 -31.32
N ASP A 690 -2.87 -24.80 -30.62
CA ASP A 690 -3.57 -26.12 -30.60
C ASP A 690 -4.31 -26.34 -29.26
N SER A 691 -4.71 -25.26 -28.56
CA SER A 691 -5.42 -25.34 -27.24
C SER A 691 -6.81 -24.73 -27.38
N PRO A 692 -7.75 -25.01 -26.44
CA PRO A 692 -9.13 -24.54 -26.55
C PRO A 692 -9.38 -23.04 -26.29
N HIS A 693 -10.53 -22.57 -26.77
CA HIS A 693 -11.02 -21.17 -26.61
C HIS A 693 -11.76 -21.10 -25.26
N VAL A 694 -11.00 -20.89 -24.19
CA VAL A 694 -11.48 -20.98 -22.76
C VAL A 694 -12.34 -19.76 -22.49
N PRO A 695 -13.63 -19.91 -22.09
CA PRO A 695 -14.51 -18.75 -21.92
C PRO A 695 -13.98 -17.84 -20.79
N VAL A 696 -14.09 -16.52 -20.97
CA VAL A 696 -13.63 -15.46 -20.03
C VAL A 696 -14.40 -14.19 -20.39
N HIS A 697 -15.55 -13.97 -19.75
CA HIS A 697 -16.46 -12.84 -20.04
C HIS A 697 -16.17 -11.69 -19.05
N PHE A 698 -15.69 -10.56 -19.58
CA PHE A 698 -15.71 -9.25 -18.89
C PHE A 698 -17.15 -8.73 -18.92
N LYS A 699 -17.55 -8.01 -17.88
CA LYS A 699 -18.94 -7.57 -17.63
C LYS A 699 -18.89 -6.48 -16.54
N PHE A 700 -19.56 -5.36 -16.76
CA PHE A 700 -19.64 -4.23 -15.80
C PHE A 700 -21.02 -4.25 -15.12
N LEU A 701 -21.05 -4.13 -13.79
CA LEU A 701 -22.30 -4.08 -13.00
C LEU A 701 -22.32 -2.86 -12.08
N LYS A 702 -23.43 -2.71 -11.38
CA LYS A 702 -23.75 -1.63 -10.43
C LYS A 702 -24.17 -2.29 -9.13
N TYR A 703 -23.62 -1.79 -8.02
CA TYR A 703 -24.18 -1.93 -6.67
C TYR A 703 -24.75 -0.54 -6.34
N GLY A 704 -25.87 -0.52 -5.62
CA GLY A 704 -26.46 0.71 -5.07
C GLY A 704 -26.46 0.70 -3.54
N VAL A 705 -27.14 1.68 -2.97
CA VAL A 705 -27.15 2.00 -1.52
C VAL A 705 -28.54 1.64 -0.97
N ARG A 706 -28.60 1.02 0.22
CA ARG A 706 -29.83 0.71 0.99
C ARG A 706 -30.63 1.98 1.27
N SER A 707 -31.86 2.03 0.75
CA SER A 707 -32.91 3.04 1.07
C SER A 707 -33.28 2.92 2.54
N HIS A 708 -33.33 1.69 3.08
CA HIS A 708 -33.80 1.44 4.48
C HIS A 708 -32.63 0.98 5.35
N GLY A 709 -32.27 1.81 6.32
CA GLY A 709 -31.25 1.51 7.34
C GLY A 709 -29.88 2.02 6.96
N ASP A 710 -28.87 1.14 7.02
CA ASP A 710 -27.44 1.56 7.05
C ASP A 710 -26.97 1.92 5.64
N ARG A 711 -26.52 3.15 5.48
CA ARG A 711 -25.97 3.78 4.25
C ARG A 711 -24.47 3.52 4.11
N SER A 712 -24.04 3.12 2.92
CA SER A 712 -22.63 3.10 2.45
C SER A 712 -22.04 4.51 2.54
N GLY A 713 -20.74 4.61 2.88
CA GLY A 713 -19.97 5.87 2.89
C GLY A 713 -18.53 5.63 2.47
N ALA A 714 -17.64 6.56 2.77
CA ALA A 714 -16.18 6.46 2.55
C ALA A 714 -15.64 5.13 3.09
N TYR A 715 -16.12 4.68 4.25
CA TYR A 715 -15.59 3.49 4.98
C TYR A 715 -16.39 2.22 4.63
N LEU A 716 -17.71 2.29 4.81
CA LEU A 716 -18.62 1.10 4.78
C LEU A 716 -19.12 0.85 3.35
N PHE A 717 -19.16 -0.45 3.00
CA PHE A 717 -19.81 -1.06 1.83
C PHE A 717 -21.07 -1.80 2.33
N LEU A 718 -22.23 -1.14 2.17
CA LEU A 718 -23.58 -1.68 2.55
C LEU A 718 -24.47 -1.76 1.30
N PRO A 719 -24.23 -2.74 0.41
CA PRO A 719 -24.96 -2.82 -0.87
C PRO A 719 -26.42 -3.26 -0.63
N ASN A 720 -27.35 -2.77 -1.46
CA ASN A 720 -28.76 -3.23 -1.51
C ASN A 720 -28.84 -4.45 -2.44
N GLY A 721 -28.34 -5.61 -1.99
CA GLY A 721 -28.39 -6.91 -2.71
C GLY A 721 -27.31 -7.05 -3.77
N PRO A 722 -27.26 -8.19 -4.50
CA PRO A 722 -26.26 -8.42 -5.54
C PRO A 722 -26.21 -7.29 -6.58
N ALA A 723 -25.10 -7.16 -7.29
CA ALA A 723 -24.94 -6.12 -8.34
C ALA A 723 -25.76 -6.56 -9.56
N SER A 724 -26.31 -5.58 -10.29
CA SER A 724 -27.12 -5.70 -11.52
C SER A 724 -26.38 -5.10 -12.73
N PRO A 725 -26.44 -5.77 -13.90
CA PRO A 725 -25.90 -5.23 -15.16
C PRO A 725 -26.13 -3.74 -15.49
N VAL A 726 -25.13 -3.14 -16.14
CA VAL A 726 -25.07 -1.76 -16.70
C VAL A 726 -25.53 -1.86 -18.16
N GLU A 727 -26.52 -1.06 -18.56
CA GLU A 727 -27.02 -1.08 -19.96
C GLU A 727 -25.94 -0.44 -20.85
N LEU A 728 -25.43 -1.22 -21.81
CA LEU A 728 -24.29 -0.84 -22.69
C LEU A 728 -24.78 -0.04 -23.91
N GLY A 729 -26.07 -0.13 -24.27
CA GLY A 729 -26.66 0.46 -25.49
C GLY A 729 -26.01 -0.09 -26.75
N GLN A 730 -25.86 0.74 -27.79
CA GLN A 730 -24.99 0.43 -28.97
C GLN A 730 -23.68 1.17 -28.75
N PRO A 731 -22.64 0.49 -28.21
CA PRO A 731 -21.38 1.15 -27.88
C PRO A 731 -20.47 1.14 -29.12
N VAL A 732 -19.85 2.28 -29.43
CA VAL A 732 -18.83 2.41 -30.49
C VAL A 732 -17.55 1.69 -30.07
N VAL A 733 -17.19 0.65 -30.83
CA VAL A 733 -16.03 -0.25 -30.56
C VAL A 733 -14.92 0.04 -31.58
N LEU A 734 -13.80 0.64 -31.14
CA LEU A 734 -12.56 0.89 -31.94
C LEU A 734 -11.63 -0.34 -31.87
N VAL A 735 -11.13 -0.81 -33.01
CA VAL A 735 -10.15 -1.93 -33.12
C VAL A 735 -8.94 -1.42 -33.89
N THR A 736 -7.76 -1.48 -33.27
CA THR A 736 -6.46 -1.13 -33.88
C THR A 736 -5.67 -2.44 -33.92
N LYS A 737 -5.09 -2.77 -35.08
CA LYS A 737 -4.42 -4.07 -35.32
C LYS A 737 -3.03 -3.81 -35.89
N GLY A 738 -1.98 -4.23 -35.18
CA GLY A 738 -0.58 -4.04 -35.58
C GLY A 738 0.27 -5.28 -35.36
N LYS A 739 1.47 -5.29 -35.91
CA LYS A 739 2.46 -6.37 -35.69
C LYS A 739 2.88 -6.43 -34.21
N LEU A 740 3.03 -5.30 -33.51
CA LEU A 740 3.61 -5.22 -32.14
C LEU A 740 2.53 -4.95 -31.08
N GLU A 741 1.47 -4.27 -31.45
CA GLU A 741 0.40 -3.93 -30.50
C GLU A 741 -0.94 -3.83 -31.24
N SER A 742 -1.95 -4.54 -30.75
CA SER A 742 -3.38 -4.34 -31.12
C SER A 742 -4.19 -4.11 -29.84
N SER A 743 -5.35 -3.48 -29.96
CA SER A 743 -6.25 -3.16 -28.83
C SER A 743 -7.68 -3.10 -29.33
N VAL A 744 -8.61 -3.40 -28.44
CA VAL A 744 -10.08 -3.26 -28.59
C VAL A 744 -10.53 -2.29 -27.47
N SER A 745 -10.92 -1.08 -27.83
CA SER A 745 -11.45 -0.04 -26.95
C SER A 745 -12.96 0.05 -27.18
N VAL A 746 -13.75 0.33 -26.13
CA VAL A 746 -15.21 0.61 -26.27
C VAL A 746 -15.63 1.74 -25.34
N GLY A 747 -16.50 2.64 -25.82
CA GLY A 747 -17.16 3.70 -25.03
C GLY A 747 -18.41 3.16 -24.38
N LEU A 748 -18.29 2.71 -23.14
CA LEU A 748 -19.43 2.31 -22.27
C LEU A 748 -19.83 3.51 -21.45
N PRO A 749 -21.04 3.52 -20.86
CA PRO A 749 -21.45 4.61 -19.98
C PRO A 749 -20.60 4.48 -18.70
N SER A 750 -19.84 5.53 -18.36
CA SER A 750 -18.96 5.62 -17.15
C SER A 750 -17.52 5.16 -17.43
N VAL A 751 -17.30 4.32 -18.44
CA VAL A 751 -16.02 3.58 -18.61
C VAL A 751 -15.67 3.53 -20.09
N VAL A 752 -14.48 3.98 -20.44
CA VAL A 752 -13.80 3.60 -21.70
C VAL A 752 -12.95 2.37 -21.39
N HIS A 753 -13.41 1.22 -21.87
CA HIS A 753 -12.85 -0.11 -21.59
C HIS A 753 -11.90 -0.46 -22.74
N GLN A 754 -10.74 -1.01 -22.43
CA GLN A 754 -9.67 -1.25 -23.43
C GLN A 754 -8.87 -2.49 -23.08
N THR A 755 -8.72 -3.41 -24.05
CA THR A 755 -7.88 -4.64 -23.98
C THR A 755 -6.70 -4.44 -24.92
N ILE A 756 -5.48 -4.34 -24.39
CA ILE A 756 -4.27 -4.06 -25.20
C ILE A 756 -3.48 -5.36 -25.23
N MET A 757 -2.97 -5.71 -26.41
CA MET A 757 -2.25 -6.98 -26.68
C MET A 757 -0.86 -6.67 -27.25
N ARG A 758 0.17 -7.29 -26.66
CA ARG A 758 1.58 -7.13 -27.07
C ARG A 758 2.28 -8.48 -27.13
N GLY A 759 1.55 -9.61 -27.16
CA GLY A 759 2.19 -10.93 -27.30
C GLY A 759 2.34 -11.72 -26.01
N GLY A 760 1.66 -11.33 -24.95
CA GLY A 760 1.55 -12.16 -23.73
C GLY A 760 0.23 -11.86 -23.05
N ALA A 761 0.19 -12.02 -21.73
CA ALA A 761 -0.96 -11.61 -20.91
C ALA A 761 -1.43 -10.24 -21.37
N PRO A 762 -2.72 -10.07 -21.76
CA PRO A 762 -3.22 -8.75 -22.17
C PRO A 762 -3.23 -7.75 -21.01
N GLU A 763 -3.36 -6.47 -21.35
CA GLU A 763 -3.47 -5.34 -20.38
C GLU A 763 -4.84 -4.73 -20.57
N ILE A 764 -5.56 -4.53 -19.46
CA ILE A 764 -6.89 -3.88 -19.40
C ILE A 764 -6.71 -2.45 -18.88
N ARG A 765 -7.35 -1.48 -19.55
CA ARG A 765 -7.36 -0.08 -19.12
C ARG A 765 -8.79 0.41 -19.07
N ASN A 766 -9.23 0.90 -17.90
CA ASN A 766 -10.54 1.56 -17.71
C ASN A 766 -10.28 3.04 -17.40
N LEU A 767 -10.70 3.95 -18.30
CA LEU A 767 -10.91 5.37 -17.91
C LEU A 767 -12.29 5.41 -17.21
N VAL A 768 -12.31 5.51 -15.88
CA VAL A 768 -13.55 5.43 -15.07
C VAL A 768 -13.98 6.86 -14.73
N ASP A 769 -15.10 7.28 -15.32
CA ASP A 769 -15.78 8.57 -15.05
C ASP A 769 -17.19 8.26 -14.59
N ILE A 770 -17.34 7.97 -13.29
CA ILE A 770 -18.63 7.69 -12.59
C ILE A 770 -19.50 8.95 -12.65
N GLY A 771 -18.91 10.08 -13.04
CA GLY A 771 -19.61 11.35 -13.31
C GLY A 771 -20.55 11.73 -12.18
N SER A 772 -21.86 11.56 -12.38
CA SER A 772 -22.92 12.07 -11.49
C SER A 772 -23.86 10.96 -11.00
N LEU A 773 -23.55 9.68 -11.26
CA LEU A 773 -24.36 8.50 -10.84
C LEU A 773 -24.32 8.37 -9.31
N ASP A 774 -25.07 9.20 -8.59
CA ASP A 774 -25.11 9.20 -7.10
C ASP A 774 -25.52 7.80 -6.59
N ASN A 775 -24.99 7.41 -5.44
CA ASN A 775 -25.30 6.12 -4.76
C ASN A 775 -25.08 4.96 -5.73
N THR A 776 -23.94 4.94 -6.43
CA THR A 776 -23.52 3.89 -7.40
C THR A 776 -22.10 3.41 -7.12
N GLU A 777 -21.86 2.11 -7.19
CA GLU A 777 -20.51 1.51 -7.20
C GLU A 777 -20.39 0.67 -8.48
N ILE A 778 -19.45 1.05 -9.36
CA ILE A 778 -19.15 0.33 -10.63
C ILE A 778 -18.14 -0.79 -10.34
N VAL A 779 -18.52 -2.03 -10.63
CA VAL A 779 -17.65 -3.23 -10.47
C VAL A 779 -17.33 -3.79 -11.86
N MET A 780 -16.17 -4.42 -11.99
CA MET A 780 -15.74 -5.13 -13.20
C MET A 780 -15.64 -6.60 -12.79
N ARG A 781 -16.48 -7.47 -13.38
CA ARG A 781 -16.47 -8.92 -13.06
C ARG A 781 -15.95 -9.71 -14.27
N LEU A 782 -15.28 -10.82 -13.97
CA LEU A 782 -14.84 -11.85 -14.89
C LEU A 782 -15.63 -13.12 -14.57
N GLU A 783 -16.31 -13.70 -15.57
CA GLU A 783 -17.06 -14.98 -15.47
C GLU A 783 -16.32 -16.05 -16.27
N THR A 784 -15.91 -17.13 -15.61
CA THR A 784 -15.20 -18.28 -16.21
C THR A 784 -15.96 -19.55 -15.85
N HIS A 785 -15.48 -20.71 -16.30
CA HIS A 785 -15.95 -22.05 -15.88
C HIS A 785 -14.84 -22.67 -15.02
N ILE A 786 -13.88 -21.85 -14.55
CA ILE A 786 -12.85 -22.34 -13.59
C ILE A 786 -13.61 -22.83 -12.35
N ASP A 787 -13.27 -24.02 -11.85
CA ASP A 787 -14.01 -24.70 -10.75
C ASP A 787 -13.35 -24.31 -9.41
N SER A 788 -13.46 -23.03 -9.05
CA SER A 788 -12.82 -22.41 -7.86
C SER A 788 -13.58 -22.81 -6.59
N GLY A 789 -14.87 -23.12 -6.73
CA GLY A 789 -15.82 -23.28 -5.63
C GLY A 789 -15.98 -21.97 -4.90
N ASP A 790 -15.59 -21.95 -3.62
CA ASP A 790 -15.68 -20.82 -2.65
C ASP A 790 -14.30 -20.25 -2.39
N ILE A 791 -13.26 -20.79 -3.03
CA ILE A 791 -11.83 -20.40 -2.86
C ILE A 791 -11.47 -19.31 -3.87
N PHE A 792 -10.85 -18.24 -3.35
CA PHE A 792 -10.08 -17.25 -4.13
C PHE A 792 -8.85 -16.83 -3.30
N TYR A 793 -7.88 -16.20 -3.97
CA TYR A 793 -6.65 -15.62 -3.39
C TYR A 793 -6.57 -14.14 -3.74
N THR A 794 -6.13 -13.37 -2.76
CA THR A 794 -5.92 -11.90 -2.82
C THR A 794 -4.58 -11.65 -2.15
N ASP A 795 -3.91 -10.56 -2.51
CA ASP A 795 -2.59 -10.23 -1.94
C ASP A 795 -2.80 -9.28 -0.75
N LEU A 796 -1.78 -9.24 0.11
CA LEU A 796 -1.65 -8.32 1.24
C LEU A 796 -0.43 -7.46 0.95
N ASN A 797 -0.67 -6.19 0.67
CA ASN A 797 0.34 -5.13 0.55
C ASN A 797 1.31 -5.48 -0.57
N GLY A 798 0.88 -6.22 -1.57
CA GLY A 798 1.72 -6.63 -2.72
C GLY A 798 2.90 -7.47 -2.32
N LEU A 799 2.88 -8.11 -1.14
CA LEU A 799 4.02 -8.89 -0.55
C LEU A 799 3.75 -10.39 -0.61
N GLN A 800 2.49 -10.81 -0.40
CA GLN A 800 2.12 -12.24 -0.19
C GLN A 800 0.70 -12.38 -0.65
N PHE A 801 0.30 -13.59 -1.05
CA PHE A 801 -1.07 -13.94 -1.49
C PHE A 801 -1.68 -14.87 -0.45
N ILE A 802 -2.84 -14.48 0.07
CA ILE A 802 -3.56 -15.21 1.15
C ILE A 802 -4.81 -15.87 0.58
N LYS A 803 -5.10 -17.11 1.03
CA LYS A 803 -6.30 -17.88 0.62
C LYS A 803 -7.51 -17.29 1.32
N ARG A 804 -8.55 -16.93 0.56
CA ARG A 804 -9.87 -16.53 1.07
C ARG A 804 -10.86 -17.67 0.87
N ARG A 805 -11.85 -17.80 1.78
CA ARG A 805 -13.03 -18.67 1.55
C ARG A 805 -14.24 -17.77 1.60
N ARG A 806 -14.99 -17.68 0.50
CA ARG A 806 -16.32 -17.04 0.46
C ARG A 806 -17.22 -17.77 1.46
N LEU A 807 -17.82 -17.02 2.38
CA LEU A 807 -18.67 -17.49 3.49
C LEU A 807 -20.08 -16.95 3.30
N ASP A 808 -21.00 -17.86 2.92
CA ASP A 808 -22.42 -17.53 2.65
C ASP A 808 -23.05 -17.09 3.96
N LYS A 809 -22.51 -17.54 5.10
CA LYS A 809 -23.03 -17.13 6.44
C LYS A 809 -22.80 -15.62 6.66
N LEU A 810 -21.76 -15.02 6.05
CA LEU A 810 -21.48 -13.54 6.13
C LEU A 810 -22.13 -12.81 4.96
N PRO A 811 -22.53 -11.54 5.13
CA PRO A 811 -23.13 -10.79 4.05
C PRO A 811 -22.05 -10.49 3.00
N LEU A 812 -22.49 -9.92 1.87
CA LEU A 812 -21.70 -9.73 0.62
C LEU A 812 -20.40 -8.96 0.93
N GLN A 813 -20.57 -7.79 1.54
CA GLN A 813 -19.50 -6.81 1.89
C GLN A 813 -18.41 -7.43 2.77
N ALA A 814 -18.69 -8.57 3.43
CA ALA A 814 -17.72 -9.30 4.28
C ALA A 814 -16.87 -10.24 3.42
N ASN A 815 -17.30 -10.51 2.19
CA ASN A 815 -16.54 -11.37 1.26
C ASN A 815 -15.65 -10.50 0.37
N TYR A 816 -15.84 -9.17 0.40
CA TYR A 816 -14.95 -8.16 -0.20
C TYR A 816 -13.70 -8.05 0.67
N TYR A 817 -12.55 -8.10 0.02
CA TYR A 817 -11.19 -7.99 0.59
C TYR A 817 -10.37 -6.96 -0.18
N PRO A 818 -9.29 -6.43 0.45
CA PRO A 818 -8.35 -5.59 -0.28
C PRO A 818 -7.76 -6.34 -1.49
N ILE A 819 -7.67 -5.63 -2.62
CA ILE A 819 -6.87 -6.07 -3.80
C ILE A 819 -5.74 -5.06 -4.06
N PRO A 820 -4.70 -5.01 -3.19
CA PRO A 820 -3.64 -4.03 -3.37
C PRO A 820 -2.76 -4.26 -4.61
N SER A 821 -2.69 -5.49 -5.15
CA SER A 821 -1.74 -5.92 -6.23
C SER A 821 -2.37 -6.94 -7.17
N GLY A 822 -3.16 -7.87 -6.64
CA GLY A 822 -3.68 -8.99 -7.44
C GLY A 822 -4.61 -9.94 -6.69
N MET A 823 -5.45 -10.61 -7.46
CA MET A 823 -6.38 -11.67 -7.04
C MET A 823 -6.33 -12.81 -8.09
N PHE A 824 -6.62 -14.03 -7.65
CA PHE A 824 -6.70 -15.20 -8.55
C PHE A 824 -7.62 -16.30 -8.00
N ILE A 825 -8.27 -16.96 -8.95
CA ILE A 825 -9.04 -18.23 -8.78
C ILE A 825 -8.32 -19.34 -9.55
N GLU A 826 -8.51 -20.59 -9.12
CA GLU A 826 -7.95 -21.77 -9.79
C GLU A 826 -8.74 -23.04 -9.43
N ASP A 827 -8.62 -24.07 -10.28
CA ASP A 827 -9.10 -25.46 -10.04
C ASP A 827 -7.91 -26.38 -10.31
N ALA A 828 -8.17 -27.64 -10.63
CA ALA A 828 -7.15 -28.67 -10.90
C ALA A 828 -6.21 -28.22 -12.02
N ASN A 829 -6.73 -27.62 -13.09
CA ASN A 829 -6.05 -27.47 -14.41
C ASN A 829 -5.73 -26.01 -14.73
N THR A 830 -6.70 -25.10 -14.49
CA THR A 830 -6.66 -23.67 -14.86
C THR A 830 -6.55 -22.77 -13.62
N ARG A 831 -5.90 -21.62 -13.82
CA ARG A 831 -5.86 -20.42 -12.95
C ARG A 831 -6.04 -19.19 -13.82
N LEU A 832 -6.81 -18.23 -13.34
CA LEU A 832 -6.91 -16.88 -13.92
C LEU A 832 -6.49 -15.89 -12.82
N THR A 833 -5.47 -15.07 -13.09
CA THR A 833 -4.94 -14.05 -12.17
C THR A 833 -5.21 -12.66 -12.80
N LEU A 834 -5.86 -11.75 -12.07
CA LEU A 834 -5.96 -10.30 -12.36
C LEU A 834 -4.94 -9.55 -11.47
N LEU A 835 -3.95 -8.91 -12.10
CA LEU A 835 -2.97 -7.99 -11.44
C LEU A 835 -3.46 -6.56 -11.62
N THR A 836 -3.28 -5.72 -10.60
CA THR A 836 -3.79 -4.33 -10.56
C THR A 836 -2.63 -3.36 -10.46
N GLY A 837 -2.79 -2.19 -11.08
CA GLY A 837 -1.86 -1.05 -10.95
C GLY A 837 -2.25 -0.15 -9.77
N GLN A 838 -3.28 -0.51 -9.03
CA GLN A 838 -3.85 0.37 -7.98
C GLN A 838 -4.61 -0.48 -6.99
N PRO A 839 -4.62 -0.11 -5.69
CA PRO A 839 -5.38 -0.85 -4.71
C PRO A 839 -6.87 -0.58 -4.91
N LEU A 840 -7.67 -1.66 -4.90
CA LEU A 840 -9.14 -1.65 -5.16
C LEU A 840 -9.79 -2.82 -4.40
N GLY A 841 -11.07 -2.70 -4.05
CA GLY A 841 -11.87 -3.75 -3.41
C GLY A 841 -12.29 -4.84 -4.38
N GLY A 842 -12.42 -6.07 -3.90
CA GLY A 842 -12.61 -7.22 -4.79
C GLY A 842 -13.04 -8.46 -4.03
N SER A 843 -13.68 -9.38 -4.74
CA SER A 843 -14.11 -10.70 -4.20
C SER A 843 -14.19 -11.69 -5.37
N SER A 844 -14.41 -12.96 -5.05
CA SER A 844 -14.94 -14.03 -5.93
C SER A 844 -16.31 -14.46 -5.39
N LEU A 845 -17.39 -13.73 -5.71
CA LEU A 845 -18.74 -13.94 -5.09
C LEU A 845 -19.44 -15.22 -5.60
N ALA A 846 -18.84 -16.03 -6.47
CA ALA A 846 -19.39 -17.29 -7.02
C ALA A 846 -18.30 -18.03 -7.77
N SER A 847 -18.44 -19.34 -7.96
CA SER A 847 -17.37 -20.20 -8.52
C SER A 847 -16.96 -19.67 -9.91
N GLY A 848 -15.66 -19.66 -10.18
CA GLY A 848 -15.07 -19.18 -11.45
C GLY A 848 -15.29 -17.69 -11.72
N GLU A 849 -15.60 -16.88 -10.72
CA GLU A 849 -15.74 -15.40 -10.91
C GLU A 849 -14.61 -14.66 -10.18
N LEU A 850 -14.18 -13.52 -10.76
CA LEU A 850 -13.40 -12.44 -10.08
C LEU A 850 -14.17 -11.14 -10.27
N GLU A 851 -14.27 -10.32 -9.24
CA GLU A 851 -14.79 -8.94 -9.40
C GLU A 851 -13.94 -7.97 -8.59
N ILE A 852 -13.87 -6.73 -9.06
CA ILE A 852 -13.03 -5.64 -8.51
C ILE A 852 -13.74 -4.31 -8.80
N MET A 853 -13.98 -3.52 -7.76
CA MET A 853 -14.68 -2.23 -7.83
C MET A 853 -13.77 -1.17 -8.41
N GLN A 854 -14.35 -0.29 -9.23
CA GLN A 854 -13.66 0.71 -10.07
C GLN A 854 -13.79 2.08 -9.43
N ASP A 855 -14.96 2.38 -8.88
CA ASP A 855 -15.22 3.68 -8.21
C ASP A 855 -16.58 3.59 -7.52
N ARG A 856 -16.88 4.57 -6.68
CA ARG A 856 -18.09 4.61 -5.82
C ARG A 856 -18.38 6.08 -5.54
N ARG A 857 -19.64 6.45 -5.65
CA ARG A 857 -20.13 7.82 -5.40
C ARG A 857 -21.32 7.67 -4.47
N LEU A 858 -21.35 8.43 -3.39
CA LEU A 858 -22.19 8.09 -2.21
C LEU A 858 -22.66 9.40 -1.60
N ALA A 859 -23.96 9.67 -1.72
CA ALA A 859 -24.56 10.95 -1.30
C ALA A 859 -24.52 11.01 0.23
N SER A 860 -24.57 9.85 0.89
CA SER A 860 -24.73 9.70 2.36
C SER A 860 -23.40 9.45 3.11
N ASP A 861 -23.37 9.89 4.37
CA ASP A 861 -22.30 9.66 5.36
C ASP A 861 -22.57 8.33 6.05
N ASP A 862 -21.52 7.60 6.46
CA ASP A 862 -21.65 6.27 7.10
C ASP A 862 -21.42 6.39 8.61
N GLU A 863 -21.40 7.62 9.12
CA GLU A 863 -21.57 7.92 10.57
C GLU A 863 -20.37 7.40 11.36
N ARG A 864 -19.15 7.57 10.83
CA ARG A 864 -17.87 7.24 11.51
C ARG A 864 -17.06 8.53 11.73
N GLY A 865 -17.70 9.69 11.57
CA GLY A 865 -17.18 11.01 11.99
C GLY A 865 -16.60 11.82 10.85
N LEU A 866 -16.63 11.29 9.63
CA LEU A 866 -16.09 12.01 8.43
C LEU A 866 -17.09 13.11 8.01
N GLY A 867 -18.37 12.91 8.29
CA GLY A 867 -19.43 13.93 8.11
C GLY A 867 -19.58 14.33 6.65
N GLN A 868 -19.49 13.40 5.70
CA GLN A 868 -19.75 13.62 4.26
C GLN A 868 -19.72 12.26 3.58
N GLY A 869 -20.29 12.19 2.39
CA GLY A 869 -20.17 11.02 1.51
C GLY A 869 -18.98 11.20 0.60
N VAL A 870 -19.03 10.53 -0.53
CA VAL A 870 -17.98 10.58 -1.57
C VAL A 870 -18.65 11.13 -2.84
N LEU A 871 -18.42 12.41 -3.13
CA LEU A 871 -19.04 13.14 -4.29
C LEU A 871 -17.96 14.00 -4.95
N ASP A 872 -16.68 13.58 -4.84
CA ASP A 872 -15.51 14.30 -5.41
C ASP A 872 -14.78 13.37 -6.39
N ASN A 873 -15.46 12.36 -6.93
CA ASN A 873 -14.86 11.44 -7.93
C ASN A 873 -14.29 12.25 -9.08
N LYS A 874 -13.31 11.68 -9.75
CA LYS A 874 -12.71 12.29 -10.94
C LYS A 874 -12.26 11.16 -11.84
N PRO A 875 -12.12 11.43 -13.15
CA PRO A 875 -11.57 10.44 -14.08
C PRO A 875 -10.29 9.82 -13.51
N VAL A 876 -10.20 8.48 -13.50
CA VAL A 876 -8.95 7.74 -13.20
C VAL A 876 -8.74 6.70 -14.30
N LEU A 877 -7.49 6.48 -14.73
CA LEU A 877 -7.11 5.34 -15.59
C LEU A 877 -6.58 4.21 -14.71
N HIS A 878 -7.38 3.17 -14.53
CA HIS A 878 -7.03 1.91 -13.80
C HIS A 878 -6.30 0.99 -14.77
N ILE A 879 -5.24 0.31 -14.35
CA ILE A 879 -4.48 -0.59 -15.27
C ILE A 879 -4.46 -1.99 -14.67
N TYR A 880 -4.56 -3.01 -15.52
CA TYR A 880 -4.57 -4.43 -15.10
C TYR A 880 -3.75 -5.25 -16.09
N ARG A 881 -3.40 -6.46 -15.67
CA ARG A 881 -2.95 -7.55 -16.58
C ARG A 881 -3.81 -8.78 -16.30
N LEU A 882 -4.17 -9.53 -17.36
CA LEU A 882 -5.05 -10.73 -17.26
C LEU A 882 -4.29 -11.98 -17.71
N VAL A 883 -3.97 -12.86 -16.77
CA VAL A 883 -3.14 -14.07 -16.98
C VAL A 883 -4.01 -15.31 -16.78
N LEU A 884 -4.52 -15.88 -17.88
CA LEU A 884 -5.03 -17.28 -17.97
C LEU A 884 -3.84 -18.25 -18.13
N GLU A 885 -3.81 -19.32 -17.33
CA GLU A 885 -2.65 -20.28 -17.23
C GLU A 885 -3.13 -21.69 -16.92
N LYS A 886 -2.32 -22.70 -17.29
CA LYS A 886 -2.50 -24.12 -16.92
C LYS A 886 -1.59 -24.39 -15.73
N VAL A 887 -2.13 -24.90 -14.63
CA VAL A 887 -1.35 -25.12 -13.37
C VAL A 887 -1.27 -26.61 -13.04
N ASN A 888 -1.92 -27.49 -13.84
CA ASN A 888 -1.96 -28.96 -13.61
C ASN A 888 -0.55 -29.55 -13.58
N ASN A 889 0.45 -28.83 -14.08
CA ASN A 889 1.89 -29.23 -14.09
C ASN A 889 2.70 -28.28 -13.22
N CYS A 890 2.05 -27.51 -12.35
CA CYS A 890 2.70 -26.63 -11.33
C CYS A 890 2.62 -27.34 -9.97
N VAL A 891 3.72 -27.32 -9.22
CA VAL A 891 3.77 -27.81 -7.82
C VAL A 891 3.01 -26.80 -6.96
N ARG A 892 1.72 -27.07 -6.73
CA ARG A 892 0.82 -26.20 -5.93
C ARG A 892 0.95 -26.59 -4.47
N PRO A 893 0.78 -25.64 -3.52
CA PRO A 893 0.91 -25.98 -2.09
C PRO A 893 -0.21 -26.93 -1.65
N SER A 894 0.02 -27.68 -0.57
CA SER A 894 -0.99 -28.49 0.16
C SER A 894 -2.36 -27.78 0.09
N GLU A 895 -3.46 -28.50 -0.08
CA GLU A 895 -4.85 -27.97 0.02
C GLU A 895 -5.11 -27.35 1.40
N LEU A 896 -4.33 -27.72 2.43
CA LEU A 896 -4.48 -27.17 3.81
C LEU A 896 -3.66 -25.87 3.96
N HIS A 897 -2.74 -25.56 3.04
CA HIS A 897 -1.85 -24.37 3.11
C HIS A 897 -2.69 -23.08 3.00
N PRO A 898 -2.49 -22.09 3.91
CA PRO A 898 -3.27 -20.85 3.90
C PRO A 898 -2.83 -19.79 2.86
N ALA A 899 -1.77 -20.07 2.11
CA ALA A 899 -1.12 -19.17 1.12
C ALA A 899 -1.22 -19.75 -0.29
N GLY A 900 -1.18 -18.85 -1.27
CA GLY A 900 -0.97 -19.13 -2.69
C GLY A 900 0.24 -18.37 -3.17
N TYR A 901 0.78 -18.74 -4.34
CA TYR A 901 1.97 -18.10 -4.95
C TYR A 901 1.69 -17.87 -6.43
N LEU A 902 2.20 -16.78 -7.00
CA LEU A 902 2.01 -16.48 -8.45
C LEU A 902 2.95 -17.39 -9.23
N THR A 903 2.64 -17.60 -10.50
CA THR A 903 3.63 -17.99 -11.50
C THR A 903 4.53 -16.81 -11.87
N SER A 904 5.73 -17.12 -12.36
CA SER A 904 6.62 -16.23 -13.15
C SER A 904 5.83 -15.29 -14.08
N ALA A 905 4.95 -15.83 -14.94
CA ALA A 905 4.15 -15.00 -15.87
C ALA A 905 3.36 -13.95 -15.10
N ALA A 906 2.72 -14.31 -13.98
CA ALA A 906 1.80 -13.43 -13.23
C ALA A 906 2.63 -12.46 -12.40
N HIS A 907 3.76 -12.92 -11.85
CA HIS A 907 4.71 -12.03 -11.12
C HIS A 907 5.30 -10.96 -12.06
N LYS A 908 5.84 -11.34 -13.20
CA LYS A 908 6.43 -10.38 -14.17
C LYS A 908 5.35 -9.41 -14.66
N ALA A 909 4.11 -9.88 -14.79
CA ALA A 909 2.95 -9.06 -15.21
C ALA A 909 2.66 -7.96 -14.16
N SER A 910 2.81 -8.29 -12.88
CA SER A 910 2.64 -7.35 -11.76
C SER A 910 3.78 -6.34 -11.79
N GLN A 911 5.01 -6.81 -12.04
CA GLN A 911 6.19 -5.91 -12.17
C GLN A 911 5.98 -4.91 -13.31
N SER A 912 5.38 -5.34 -14.41
CA SER A 912 5.17 -4.45 -15.57
C SER A 912 4.15 -3.38 -15.20
N LEU A 913 3.16 -3.66 -14.33
CA LEU A 913 2.26 -2.60 -13.82
C LEU A 913 3.00 -1.68 -12.82
N LEU A 914 3.67 -2.23 -11.82
CA LEU A 914 4.11 -1.42 -10.66
C LEU A 914 5.40 -0.66 -10.96
N ASP A 915 6.31 -1.25 -11.77
CA ASP A 915 7.67 -0.71 -12.00
C ASP A 915 8.01 -0.85 -13.47
N PRO A 916 7.27 -0.16 -14.36
CA PRO A 916 7.54 -0.23 -15.80
C PRO A 916 8.84 0.50 -16.13
N LEU A 917 9.28 0.39 -17.37
CA LEU A 917 10.40 1.21 -17.90
C LEU A 917 10.01 2.69 -17.78
N ASP A 918 10.95 3.52 -17.35
CA ASP A 918 10.84 4.99 -17.32
C ASP A 918 11.32 5.52 -18.69
N LYS A 919 10.57 6.44 -19.29
CA LYS A 919 10.86 7.01 -20.63
C LYS A 919 11.30 8.47 -20.45
N PHE A 920 12.41 8.83 -21.07
CA PHE A 920 12.96 10.20 -21.04
C PHE A 920 13.13 10.68 -22.48
N ILE A 921 12.65 11.89 -22.76
CA ILE A 921 12.82 12.60 -24.07
C ILE A 921 13.82 13.74 -23.85
N PHE A 922 14.95 13.72 -24.55
CA PHE A 922 15.99 14.78 -24.46
C PHE A 922 15.35 16.09 -24.91
N ALA A 923 15.50 17.13 -24.09
CA ALA A 923 14.78 18.41 -24.27
C ALA A 923 15.42 19.24 -25.39
N GLU A 924 16.75 19.24 -25.52
CA GLU A 924 17.50 20.14 -26.42
C GLU A 924 17.63 19.49 -27.81
N ASN A 925 18.03 20.29 -28.80
CA ASN A 925 18.23 19.86 -30.21
C ASN A 925 19.34 18.82 -30.30
N GLU A 926 20.42 19.02 -29.56
CA GLU A 926 21.67 18.24 -29.73
C GLU A 926 22.19 17.85 -28.34
N TRP A 927 22.66 16.61 -28.22
CA TRP A 927 23.14 15.97 -26.97
C TRP A 927 24.58 15.49 -27.22
N ILE A 928 25.55 16.39 -27.08
CA ILE A 928 26.99 16.02 -27.15
C ILE A 928 27.33 15.17 -25.94
N GLY A 929 28.07 14.09 -26.15
CA GLY A 929 28.52 13.18 -25.07
C GLY A 929 27.75 11.86 -25.06
N ALA A 930 26.61 11.80 -25.75
CA ALA A 930 25.56 10.78 -25.59
C ALA A 930 26.22 9.41 -25.62
N GLN A 931 25.86 8.57 -24.66
CA GLN A 931 26.21 7.14 -24.65
C GLN A 931 24.90 6.38 -24.76
N GLY A 932 24.97 5.12 -25.21
CA GLY A 932 23.81 4.34 -25.66
C GLY A 932 23.30 3.40 -24.59
N GLN A 933 24.09 3.24 -23.52
CA GLN A 933 23.81 2.24 -22.46
C GLN A 933 24.45 2.65 -21.14
N PHE A 934 23.81 2.28 -20.02
CA PHE A 934 24.40 2.20 -18.68
C PHE A 934 23.94 0.88 -18.04
N GLY A 935 24.83 0.27 -17.27
CA GLY A 935 24.57 -0.94 -16.48
C GLY A 935 24.62 -2.19 -17.33
N GLY A 936 25.25 -2.18 -18.51
CA GLY A 936 25.46 -3.41 -19.32
C GLY A 936 26.16 -4.52 -18.54
N ASP A 937 27.07 -4.15 -17.64
CA ASP A 937 27.87 -5.08 -16.81
C ASP A 937 27.14 -5.44 -15.49
N HIS A 938 25.93 -4.91 -15.22
CA HIS A 938 25.15 -5.22 -14.00
C HIS A 938 24.63 -6.65 -14.07
N PRO A 939 24.71 -7.41 -12.96
CA PRO A 939 24.20 -8.77 -12.92
C PRO A 939 22.67 -8.83 -13.08
N SER A 940 22.24 -9.79 -13.89
CA SER A 940 20.83 -10.07 -14.23
C SER A 940 20.34 -11.17 -13.28
N ALA A 941 19.80 -10.77 -12.13
CA ALA A 941 19.41 -11.67 -11.01
C ALA A 941 18.14 -12.47 -11.38
N ARG A 942 18.05 -13.65 -10.78
CA ARG A 942 16.92 -14.61 -10.82
C ARG A 942 15.58 -13.85 -10.79
N GLU A 943 14.57 -14.36 -11.49
CA GLU A 943 13.33 -13.60 -11.77
C GLU A 943 12.57 -13.28 -10.46
N ASP A 944 12.87 -14.01 -9.38
CA ASP A 944 12.08 -13.95 -8.12
C ASP A 944 12.77 -12.99 -7.17
N LEU A 945 13.89 -12.41 -7.56
CA LEU A 945 14.67 -11.45 -6.73
C LEU A 945 14.42 -10.02 -7.23
N ASP A 946 14.20 -9.09 -6.30
CA ASP A 946 14.07 -7.66 -6.63
C ASP A 946 14.93 -6.85 -5.66
N VAL A 947 15.59 -5.83 -6.20
CA VAL A 947 16.24 -4.74 -5.41
C VAL A 947 15.15 -3.70 -5.21
N SER A 948 14.32 -3.94 -4.21
CA SER A 948 13.18 -3.08 -3.80
C SER A 948 13.64 -1.63 -3.60
N VAL A 949 14.72 -1.44 -2.85
CA VAL A 949 15.30 -0.10 -2.53
C VAL A 949 16.78 -0.10 -2.91
N MET A 950 17.21 0.91 -3.66
CA MET A 950 18.62 1.35 -3.63
C MET A 950 18.63 2.82 -3.23
N ARG A 951 19.34 3.14 -2.15
CA ARG A 951 19.35 4.52 -1.60
C ARG A 951 20.73 4.84 -1.02
N ARG A 952 21.34 5.93 -1.48
CA ARG A 952 22.62 6.39 -0.89
C ARG A 952 22.24 7.03 0.43
N LEU A 953 23.03 6.73 1.45
CA LEU A 953 22.70 7.06 2.87
C LEU A 953 23.52 8.26 3.31
N THR A 954 24.56 8.63 2.55
CA THR A 954 25.52 9.71 2.91
C THR A 954 25.46 10.81 1.88
N LYS A 955 25.58 12.06 2.31
CA LYS A 955 25.88 13.24 1.47
C LYS A 955 27.37 13.26 1.11
N SER A 956 27.77 14.22 0.26
CA SER A 956 29.13 14.30 -0.35
C SER A 956 30.15 14.57 0.75
N SER A 957 29.83 15.39 1.75
CA SER A 957 30.78 15.84 2.80
C SER A 957 30.95 14.76 3.88
N ALA A 958 31.06 13.48 3.49
CA ALA A 958 31.28 12.33 4.39
C ALA A 958 32.36 11.45 3.77
N LYS A 959 33.36 11.06 4.56
CA LYS A 959 34.62 10.45 4.08
C LYS A 959 34.35 9.01 3.64
N THR A 960 33.32 8.36 4.19
CA THR A 960 32.88 7.00 3.77
C THR A 960 31.46 7.07 3.21
N GLN A 961 31.35 6.92 1.90
CA GLN A 961 30.06 6.83 1.18
C GLN A 961 29.41 5.50 1.57
N ARG A 962 28.13 5.54 1.92
CA ARG A 962 27.35 4.33 2.23
C ARG A 962 26.07 4.35 1.40
N VAL A 963 25.71 3.16 0.93
CA VAL A 963 24.51 2.91 0.08
C VAL A 963 23.75 1.77 0.73
N GLY A 964 22.43 1.95 0.90
CA GLY A 964 21.51 0.91 1.41
C GLY A 964 20.77 0.24 0.28
N TYR A 965 20.61 -1.09 0.39
CA TYR A 965 19.82 -1.94 -0.53
C TYR A 965 18.85 -2.76 0.32
N VAL A 966 17.58 -2.81 -0.11
CA VAL A 966 16.58 -3.81 0.35
C VAL A 966 16.39 -4.81 -0.77
N LEU A 967 16.59 -6.09 -0.49
CA LEU A 967 16.31 -7.21 -1.41
C LEU A 967 15.10 -7.95 -0.90
N HIS A 968 14.16 -8.14 -1.79
CA HIS A 968 13.03 -9.04 -1.60
C HIS A 968 13.17 -10.15 -2.62
N ARG A 969 13.08 -11.40 -2.16
CA ARG A 969 12.90 -12.59 -3.02
C ARG A 969 11.48 -13.07 -2.77
N THR A 970 10.65 -13.09 -3.78
CA THR A 970 9.28 -13.60 -3.67
C THR A 970 9.39 -15.12 -3.75
N ASN A 971 8.26 -15.81 -3.88
CA ASN A 971 8.23 -17.26 -4.15
C ASN A 971 7.26 -17.51 -5.31
N LEU A 972 7.74 -18.15 -6.35
CA LEU A 972 6.97 -18.42 -7.60
C LEU A 972 6.67 -19.91 -7.66
N MET A 973 5.45 -20.24 -8.04
CA MET A 973 5.05 -21.64 -8.28
C MET A 973 5.99 -22.24 -9.34
N GLN A 974 6.64 -23.37 -9.03
CA GLN A 974 7.49 -24.15 -9.97
C GLN A 974 6.57 -24.95 -10.89
N CYS A 975 6.69 -24.75 -12.20
CA CYS A 975 5.99 -25.53 -13.26
C CYS A 975 7.03 -26.09 -14.24
N GLY A 976 8.32 -26.06 -13.88
CA GLY A 976 9.45 -26.66 -14.62
C GLY A 976 9.80 -25.89 -15.89
N THR A 977 10.66 -24.87 -15.78
CA THR A 977 11.24 -24.11 -16.94
C THR A 977 12.61 -23.56 -16.53
N GLU A 980 15.42 -19.25 -17.27
CA GLU A 980 16.63 -19.83 -16.63
C GLU A 980 17.86 -19.01 -17.04
N HIS A 981 19.05 -19.46 -16.63
CA HIS A 981 20.38 -18.91 -16.98
C HIS A 981 20.48 -17.44 -16.55
N THR A 982 21.04 -17.20 -15.36
CA THR A 982 21.08 -15.90 -14.64
C THR A 982 22.48 -15.71 -14.04
N GLN A 983 22.64 -14.98 -12.95
CA GLN A 983 23.97 -14.61 -12.38
C GLN A 983 23.84 -13.90 -11.02
N LYS A 984 24.38 -14.53 -9.98
CA LYS A 984 24.42 -14.06 -8.57
C LYS A 984 24.52 -12.55 -8.53
N LEU A 985 23.59 -11.88 -7.87
CA LEU A 985 23.70 -10.43 -7.60
C LEU A 985 24.25 -10.30 -6.19
N ASP A 986 25.24 -9.43 -6.01
CA ASP A 986 25.85 -9.10 -4.71
C ASP A 986 25.88 -7.57 -4.64
N VAL A 987 24.96 -6.96 -3.90
CA VAL A 987 24.72 -5.49 -3.95
C VAL A 987 25.92 -4.79 -3.28
N CYS A 988 26.70 -5.53 -2.48
CA CYS A 988 27.87 -4.97 -1.77
C CYS A 988 28.92 -4.51 -2.80
N HIS A 989 29.05 -5.16 -3.96
CA HIS A 989 30.09 -4.82 -4.99
C HIS A 989 29.51 -3.96 -6.15
N LEU A 990 28.18 -3.80 -6.24
CA LEU A 990 27.49 -2.98 -7.28
C LEU A 990 28.24 -1.66 -7.52
N LEU A 991 28.62 -0.97 -6.45
CA LEU A 991 29.49 0.23 -6.50
C LEU A 991 30.93 -0.19 -6.19
N PRO A 992 31.93 0.53 -6.76
CA PRO A 992 33.32 0.11 -6.60
C PRO A 992 33.91 0.60 -5.26
N ASN A 993 35.03 0.02 -4.86
CA ASN A 993 35.85 0.48 -3.70
C ASN A 993 35.07 0.19 -2.43
N VAL A 994 34.38 -0.94 -2.42
CA VAL A 994 33.66 -1.41 -1.20
C VAL A 994 34.72 -1.70 -0.12
N ALA A 995 34.78 -0.84 0.92
CA ALA A 995 35.58 -0.95 2.17
C ALA A 995 34.93 -1.92 3.18
N ARG A 996 33.60 -2.09 3.16
CA ARG A 996 32.87 -3.14 3.92
C ARG A 996 31.39 -3.16 3.53
N CYS A 997 30.65 -4.16 3.98
CA CYS A 997 29.17 -4.08 4.02
C CYS A 997 28.57 -4.99 5.11
N GLU A 998 27.41 -4.57 5.63
CA GLU A 998 26.70 -5.12 6.81
C GLU A 998 25.32 -5.58 6.36
N ARG A 999 24.83 -6.74 6.81
CA ARG A 999 23.37 -7.02 6.80
C ARG A 999 22.76 -6.17 7.91
N THR A 1000 21.71 -5.43 7.59
CA THR A 1000 21.07 -4.43 8.47
C THR A 1000 19.58 -4.77 8.62
N THR A 1001 18.94 -4.11 9.59
CA THR A 1001 17.47 -3.97 9.69
C THR A 1001 16.95 -3.32 8.39
N LEU A 1002 15.67 -3.52 8.05
CA LEU A 1002 15.12 -2.99 6.78
C LEU A 1002 15.14 -1.46 6.78
N THR A 1003 15.20 -0.80 7.95
CA THR A 1003 15.35 0.68 8.06
C THR A 1003 16.82 1.12 7.83
N PHE A 1004 17.75 0.17 7.70
CA PHE A 1004 19.23 0.41 7.57
C PHE A 1004 19.84 0.89 8.90
N LEU A 1005 19.12 0.84 10.03
CA LEU A 1005 19.48 1.67 11.22
C LEU A 1005 20.33 0.85 12.19
N GLN A 1006 20.34 -0.48 12.04
CA GLN A 1006 21.16 -1.41 12.84
C GLN A 1006 21.84 -2.42 11.94
N ASN A 1007 23.07 -2.78 12.30
CA ASN A 1007 23.91 -3.84 11.69
C ASN A 1007 23.56 -5.15 12.41
N LEU A 1008 23.23 -6.20 11.66
CA LEU A 1008 22.85 -7.51 12.24
C LEU A 1008 23.95 -8.53 11.95
N GLU A 1009 24.85 -8.26 11.01
CA GLU A 1009 25.91 -9.20 10.58
C GLU A 1009 26.95 -8.44 9.76
N HIS A 1010 28.13 -8.22 10.35
CA HIS A 1010 29.37 -7.83 9.63
C HIS A 1010 29.68 -8.96 8.64
N LEU A 1011 29.80 -8.64 7.34
CA LEU A 1011 29.99 -9.66 6.28
C LEU A 1011 31.48 -9.70 5.94
N ASP A 1012 32.15 -10.77 6.36
CA ASP A 1012 33.62 -10.91 6.25
C ASP A 1012 33.98 -10.86 4.75
N GLY A 1013 33.19 -11.50 3.88
CA GLY A 1013 33.40 -11.51 2.42
C GLY A 1013 33.29 -10.12 1.79
N MET A 1014 32.55 -9.20 2.43
CA MET A 1014 32.00 -7.98 1.78
C MET A 1014 31.14 -8.42 0.59
N VAL A 1015 30.64 -9.66 0.63
CA VAL A 1015 29.62 -10.25 -0.30
C VAL A 1015 28.28 -10.30 0.45
N ALA A 1016 27.17 -9.94 -0.20
CA ALA A 1016 25.78 -10.17 0.29
C ALA A 1016 25.39 -11.64 0.10
N PRO A 1017 25.11 -12.39 1.20
CA PRO A 1017 24.67 -13.78 1.10
C PRO A 1017 23.28 -13.85 0.49
N GLU A 1018 22.95 -14.99 -0.14
CA GLU A 1018 21.72 -15.16 -0.94
C GLU A 1018 20.51 -15.17 0.01
N VAL A 1019 19.33 -14.85 -0.53
CA VAL A 1019 18.09 -14.51 0.23
C VAL A 1019 17.00 -15.53 -0.07
N CYS A 1020 16.35 -16.07 0.97
CA CYS A 1020 15.39 -17.21 0.88
C CYS A 1020 14.08 -16.79 0.25
N PRO A 1021 13.29 -17.73 -0.33
CA PRO A 1021 11.96 -17.39 -0.84
C PRO A 1021 11.13 -16.78 0.30
N MET A 1022 10.45 -15.67 -0.01
CA MET A 1022 9.53 -14.86 0.85
C MET A 1022 10.34 -14.09 1.90
N GLU A 1023 11.65 -14.07 1.78
CA GLU A 1023 12.51 -13.32 2.73
C GLU A 1023 12.80 -11.93 2.19
N THR A 1024 13.05 -10.99 3.11
CA THR A 1024 13.48 -9.62 2.78
C THR A 1024 14.65 -9.28 3.71
N ALA A 1025 15.71 -8.73 3.16
CA ALA A 1025 16.96 -8.46 3.88
C ALA A 1025 17.49 -7.14 3.36
N ALA A 1026 18.15 -6.37 4.23
CA ALA A 1026 18.81 -5.10 3.88
C ALA A 1026 20.31 -5.25 4.08
N TYR A 1027 21.07 -4.66 3.18
CA TYR A 1027 22.55 -4.54 3.33
C TYR A 1027 22.92 -3.09 3.16
N VAL A 1028 24.01 -2.69 3.82
CA VAL A 1028 24.67 -1.39 3.58
C VAL A 1028 26.14 -1.61 3.23
N SER A 1029 26.55 -1.16 2.04
CA SER A 1029 27.93 -1.17 1.48
C SER A 1029 28.59 0.19 1.76
N SER A 1030 29.83 0.15 2.25
CA SER A 1030 30.67 1.36 2.54
C SER A 1030 31.73 1.45 1.45
N HIS A 1031 32.07 2.65 1.02
CA HIS A 1031 33.03 2.92 -0.09
C HIS A 1031 34.04 3.99 0.36
N SER A 1032 35.31 3.84 -0.04
CA SER A 1032 36.46 4.65 0.46
C SER A 1032 36.64 5.93 -0.36
#